data_8FQD
#
_entry.id   8FQD
#
_cell.length_a   1.00
_cell.length_b   1.00
_cell.length_c   1.00
_cell.angle_alpha   90.00
_cell.angle_beta   90.00
_cell.angle_gamma   90.00
#
_symmetry.space_group_name_H-M   'P 1'
#
loop_
_entity.id
_entity.type
_entity.pdbx_description
1 polymer 'Glutamate receptor 2'
2 non-polymer 'GLUTAMIC ACID'
3 non-polymer CYCLOTHIAZIDE
4 water water
#
_entity_poly.entity_id   1
_entity_poly.type   'polypeptide(L)'
_entity_poly.pdbx_seq_one_letter_code
;MQKIMHISVLLSPVLWGLIFGVSSNSIQIGGLFPRGADQEYSAFRVGMVQFSTSEFRLTPHIDNLEVANSFAVTNAFCSQ
FSRGVYAIFGFYDKKSVNTITSFCGTLHVSFITPSFPTDGTHPFVIQMRPDLKGALLSLIEYYQWDKFAYLYDSDRGLST
LQAVLDSAAEKKWQVTAINVGNINNDKKDETYRSLFQDLELKKERRVILDCERDKVNDIVDQVITIGKHVKGYHYIIANL
GFTDGDLLKIQFGGANVSGFQIVDYDDSLVSKFIERWSTLEEKEYPGAHTATIKYTSALTYDAVQVMTEAFRNLRKQRIE
ISRRGNAGDCLANPAVPWGQGVEIERALKQVQVEGLSGNIKFDQNGKRINYTINIMELKTNGPRKIGYWSEVDKMVVTLT
ELPSGNDTSGLENKTVVVTTILESPYVMMKKNHEMLEGNERYEGYCVDLAAEIAKHCGFKYKLTIVGDGKYGARDADTKI
WNGMVGELVYGKADIAIAPLTITLVREEVIDFSKPFMSLGISIMIKKPQKSKPGVFSFLDPLAYEIWMCIVFAYIGVSVV
LFLVSRFSPYEWHTEEFEDGRETQSSESTNEFGIFNSLWFSLGAFMQQGCDISPRSLSGRIVGGVWWFFTLIIISSYTAN
LAAFLTVERMVSPIESAEDLSKQTEIAYGTLDSGSTKEFFRRSKIAVFDKMWTYMRSAEPSVFVRTTAEGVARVRKSKGK
YAYLLESTMNEYIEQRKPCDTMKVGGNLDSKGYGIATPKGSSLGTPVNLAVLKLSEQGVLDKLKNKWWYDKGECGAKDSG
SKEKTSALSLSNVAGVFYILVGGLGLAMLVALIEFCYKSRAEAKRMKVAKNPQNINPSSSQNSQNFATYKEGYNVYGIES
VKI
;
_entity_poly.pdbx_strand_id   A,B,C,D
#
loop_
_chem_comp.id
_chem_comp.type
_chem_comp.name
_chem_comp.formula
CYZ non-polymer CYCLOTHIAZIDE 'C14 H16 Cl N3 O4 S2'
#
# COMPACT_ATOMS: atom_id res chain seq x y z
N LYS A 414 -40.24 40.43 3.36
CA LYS A 414 -40.46 38.98 3.42
C LYS A 414 -39.38 38.30 4.24
N THR A 415 -39.80 37.57 5.28
CA THR A 415 -38.86 36.84 6.11
C THR A 415 -38.33 35.62 5.36
N VAL A 416 -37.16 35.16 5.78
CA VAL A 416 -36.50 34.00 5.19
C VAL A 416 -36.37 32.93 6.26
N VAL A 417 -36.88 31.74 5.99
CA VAL A 417 -36.83 30.64 6.94
C VAL A 417 -35.48 29.95 6.82
N VAL A 418 -34.78 29.82 7.94
CA VAL A 418 -33.46 29.20 8.00
C VAL A 418 -33.57 27.94 8.83
N THR A 419 -33.12 26.82 8.27
CA THR A 419 -33.11 25.55 8.98
C THR A 419 -31.71 25.25 9.49
N THR A 420 -31.61 25.02 10.80
CA THR A 420 -30.35 24.67 11.45
C THR A 420 -30.56 23.43 12.32
N ILE A 421 -29.46 22.95 12.89
CA ILE A 421 -29.50 21.80 13.78
C ILE A 421 -28.78 22.15 15.07
N LEU A 422 -29.25 21.58 16.17
CA LEU A 422 -28.69 21.86 17.50
C LEU A 422 -27.34 21.17 17.60
N GLU A 423 -26.29 21.92 17.28
CA GLU A 423 -24.94 21.39 17.29
C GLU A 423 -23.99 22.42 17.90
N SER A 424 -23.12 21.95 18.78
CA SER A 424 -22.15 22.86 19.38
C SER A 424 -20.80 22.74 18.69
N PRO A 425 -20.09 23.84 18.48
CA PRO A 425 -20.42 25.22 18.87
C PRO A 425 -21.18 25.97 17.78
N TYR A 426 -21.84 25.25 16.88
CA TYR A 426 -22.50 25.89 15.76
C TYR A 426 -23.81 26.56 16.19
N VAL A 427 -24.71 25.79 16.79
CA VAL A 427 -25.97 26.33 17.30
C VAL A 427 -26.15 25.82 18.74
N MET A 428 -26.16 26.74 19.69
CA MET A 428 -26.51 26.43 21.07
C MET A 428 -27.81 27.13 21.43
N MET A 429 -28.60 26.48 22.29
CA MET A 429 -29.92 26.99 22.62
C MET A 429 -29.83 27.90 23.85
N LYS A 430 -28.86 28.81 23.82
CA LYS A 430 -28.47 29.74 24.90
C LYS A 430 -28.39 28.97 26.22
N LYS A 431 -28.57 29.62 27.38
CA LYS A 431 -28.55 28.96 28.67
C LYS A 431 -29.72 29.45 29.53
N ASN A 432 -30.22 30.65 29.21
CA ASN A 432 -31.34 31.27 29.92
C ASN A 432 -32.45 31.63 28.94
N HIS A 433 -32.81 30.67 28.09
CA HIS A 433 -33.69 30.90 26.95
C HIS A 433 -35.17 30.87 27.30
N GLU A 434 -35.50 30.70 28.58
CA GLU A 434 -36.89 30.56 28.97
C GLU A 434 -37.70 31.81 28.61
N MET A 435 -37.13 32.99 28.83
CA MET A 435 -37.81 34.25 28.55
C MET A 435 -37.45 34.84 27.19
N LEU A 436 -36.67 34.13 26.38
CA LEU A 436 -36.23 34.65 25.09
C LEU A 436 -37.10 34.13 23.96
N GLU A 437 -37.23 34.95 22.93
CA GLU A 437 -38.02 34.61 21.75
C GLU A 437 -37.28 35.08 20.50
N GLY A 438 -37.69 34.54 19.36
CA GLY A 438 -37.06 34.90 18.11
C GLY A 438 -35.68 34.28 17.94
N ASN A 439 -34.85 34.97 17.17
CA ASN A 439 -33.49 34.51 16.94
C ASN A 439 -32.59 34.75 18.14
N GLU A 440 -33.07 35.47 19.16
CA GLU A 440 -32.23 35.82 20.29
C GLU A 440 -32.06 34.64 21.26
N ARG A 441 -32.80 33.55 21.05
CA ARG A 441 -32.64 32.40 21.92
C ARG A 441 -31.57 31.43 21.42
N TYR A 442 -30.87 31.77 20.35
CA TYR A 442 -29.83 30.93 19.78
C TYR A 442 -28.48 31.66 19.87
N GLU A 443 -27.42 30.87 19.81
CA GLU A 443 -26.06 31.40 19.81
C GLU A 443 -25.13 30.35 19.25
N GLY A 444 -24.03 30.80 18.68
CA GLY A 444 -23.03 29.89 18.15
C GLY A 444 -22.39 30.44 16.89
N TYR A 445 -21.49 29.64 16.33
CA TYR A 445 -20.81 30.02 15.10
C TYR A 445 -21.81 30.20 13.96
N CYS A 446 -22.78 29.28 13.84
CA CYS A 446 -23.73 29.35 12.74
C CYS A 446 -24.68 30.52 12.88
N VAL A 447 -25.05 30.89 14.12
CA VAL A 447 -25.91 32.06 14.31
C VAL A 447 -25.19 33.32 13.85
N ASP A 448 -23.92 33.46 14.23
CA ASP A 448 -23.15 34.63 13.80
C ASP A 448 -22.95 34.63 12.29
N LEU A 449 -22.71 33.45 11.70
CA LEU A 449 -22.55 33.37 10.25
C LEU A 449 -23.84 33.77 9.54
N ALA A 450 -24.99 33.32 10.05
CA ALA A 450 -26.26 33.69 9.45
C ALA A 450 -26.51 35.19 9.59
N ALA A 451 -26.15 35.76 10.74
CA ALA A 451 -26.30 37.20 10.93
C ALA A 451 -25.45 37.97 9.93
N GLU A 452 -24.19 37.55 9.74
CA GLU A 452 -23.32 38.24 8.79
C GLU A 452 -23.81 38.07 7.36
N ILE A 453 -24.31 36.88 7.01
CA ILE A 453 -24.84 36.66 5.67
C ILE A 453 -26.04 37.56 5.42
N ALA A 454 -26.95 37.65 6.39
CA ALA A 454 -28.11 38.52 6.24
C ALA A 454 -27.71 39.98 6.16
N LYS A 455 -26.71 40.39 6.94
CA LYS A 455 -26.24 41.76 6.87
C LYS A 455 -25.64 42.09 5.51
N HIS A 456 -24.86 41.17 4.95
CA HIS A 456 -24.25 41.42 3.64
C HIS A 456 -25.30 41.45 2.54
N CYS A 457 -26.18 40.44 2.52
CA CYS A 457 -27.19 40.36 1.46
C CYS A 457 -28.30 41.38 1.67
N GLY A 458 -28.72 41.59 2.92
CA GLY A 458 -29.75 42.56 3.22
C GLY A 458 -31.15 41.99 3.24
N PHE A 459 -31.35 40.92 4.02
CA PHE A 459 -32.68 40.34 4.20
C PHE A 459 -32.90 40.04 5.67
N LYS A 460 -34.17 39.93 6.05
CA LYS A 460 -34.57 39.58 7.40
C LYS A 460 -34.87 38.09 7.45
N TYR A 461 -34.28 37.41 8.43
CA TYR A 461 -34.30 35.95 8.49
C TYR A 461 -34.83 35.49 9.83
N LYS A 462 -35.33 34.26 9.85
CA LYS A 462 -35.83 33.61 11.06
C LYS A 462 -35.17 32.24 11.20
N LEU A 463 -34.57 31.99 12.36
CA LEU A 463 -33.89 30.72 12.60
C LEU A 463 -34.89 29.66 13.07
N THR A 464 -34.75 28.46 12.52
CA THR A 464 -35.62 27.35 12.87
C THR A 464 -34.79 26.09 13.02
N ILE A 465 -35.25 25.19 13.88
CA ILE A 465 -34.62 23.90 14.11
C ILE A 465 -35.40 22.84 13.34
N VAL A 466 -34.68 22.01 12.57
CA VAL A 466 -35.33 20.95 11.82
C VAL A 466 -36.01 19.99 12.79
N GLY A 467 -37.21 19.54 12.41
CA GLY A 467 -38.01 18.71 13.30
C GLY A 467 -37.29 17.44 13.73
N ASP A 468 -36.58 16.81 12.82
CA ASP A 468 -35.78 15.64 13.11
C ASP A 468 -34.30 16.02 13.06
N GLY A 469 -33.54 15.62 14.07
CA GLY A 469 -32.13 15.96 14.14
C GLY A 469 -31.31 15.22 13.11
N LYS A 470 -31.66 15.40 11.83
CA LYS A 470 -31.04 14.70 10.72
C LYS A 470 -30.35 15.69 9.81
N TYR A 471 -29.11 15.37 9.42
CA TYR A 471 -28.41 16.22 8.47
C TYR A 471 -28.97 16.04 7.05
N GLY A 472 -29.28 14.82 6.67
CA GLY A 472 -29.84 14.55 5.36
C GLY A 472 -29.30 13.27 4.75
N ALA A 473 -30.20 12.40 4.30
CA ALA A 473 -29.82 11.11 3.74
C ALA A 473 -30.96 10.60 2.87
N ARG A 474 -30.83 9.36 2.40
CA ARG A 474 -31.83 8.70 1.58
C ARG A 474 -32.31 7.45 2.30
N ASP A 475 -33.63 7.26 2.35
CA ASP A 475 -34.23 6.18 3.10
C ASP A 475 -34.16 4.87 2.30
N ALA A 476 -34.87 3.85 2.77
CA ALA A 476 -34.79 2.51 2.20
C ALA A 476 -35.55 2.46 0.88
N ASP A 477 -34.87 2.88 -0.18
CA ASP A 477 -35.37 2.78 -1.56
C ASP A 477 -36.73 3.45 -1.71
N THR A 478 -36.91 4.60 -1.07
CA THR A 478 -38.13 5.39 -1.23
C THR A 478 -37.88 6.75 -1.86
N LYS A 479 -36.61 7.09 -2.13
CA LYS A 479 -36.25 8.32 -2.85
C LYS A 479 -36.80 9.56 -2.15
N ILE A 480 -36.75 9.57 -0.83
CA ILE A 480 -37.24 10.67 -0.01
C ILE A 480 -36.09 11.21 0.82
N TRP A 481 -35.86 12.51 0.73
CA TRP A 481 -34.83 13.18 1.52
C TRP A 481 -35.39 13.55 2.90
N ASN A 482 -34.57 13.37 3.92
CA ASN A 482 -34.94 13.71 5.29
C ASN A 482 -33.98 14.77 5.83
N GLY A 483 -34.33 15.31 6.99
CA GLY A 483 -33.46 16.28 7.64
C GLY A 483 -33.43 17.62 6.94
N MET A 484 -32.31 18.32 7.10
CA MET A 484 -32.18 19.66 6.55
C MET A 484 -32.21 19.66 5.02
N VAL A 485 -31.59 18.67 4.40
CA VAL A 485 -31.63 18.57 2.94
C VAL A 485 -33.07 18.34 2.47
N GLY A 486 -33.80 17.45 3.15
CA GLY A 486 -35.21 17.26 2.83
C GLY A 486 -36.03 18.50 3.12
N GLU A 487 -35.68 19.23 4.17
CA GLU A 487 -36.38 20.48 4.47
C GLU A 487 -36.19 21.50 3.36
N LEU A 488 -34.98 21.58 2.79
CA LEU A 488 -34.72 22.50 1.71
C LEU A 488 -35.39 22.06 0.40
N VAL A 489 -35.31 20.76 0.09
CA VAL A 489 -35.80 20.28 -1.20
C VAL A 489 -37.30 20.47 -1.31
N TYR A 490 -38.04 20.13 -0.25
CA TYR A 490 -39.50 20.14 -0.30
C TYR A 490 -40.09 21.53 -0.01
N GLY A 491 -39.28 22.58 -0.10
CA GLY A 491 -39.79 23.93 0.04
C GLY A 491 -40.06 24.39 1.45
N LYS A 492 -39.71 23.59 2.45
CA LYS A 492 -39.96 23.99 3.84
C LYS A 492 -39.04 25.11 4.30
N ALA A 493 -37.86 25.25 3.69
CA ALA A 493 -36.92 26.29 4.06
C ALA A 493 -36.25 26.85 2.81
N ASP A 494 -35.74 28.07 2.93
CA ASP A 494 -35.12 28.76 1.82
C ASP A 494 -33.59 28.77 1.88
N ILE A 495 -33.01 28.42 3.02
CA ILE A 495 -31.56 28.39 3.18
C ILE A 495 -31.24 27.56 4.41
N ALA A 496 -30.03 27.00 4.45
CA ALA A 496 -29.59 26.15 5.55
C ALA A 496 -28.18 26.58 5.96
N ILE A 497 -28.09 27.44 6.97
CA ILE A 497 -26.81 27.80 7.57
C ILE A 497 -26.59 26.83 8.72
N ALA A 498 -25.73 25.85 8.50
CA ALA A 498 -25.49 24.77 9.45
C ALA A 498 -24.23 24.03 9.01
N PRO A 499 -23.64 23.23 9.91
CA PRO A 499 -22.47 22.43 9.51
C PRO A 499 -22.88 21.29 8.58
N LEU A 500 -23.26 21.64 7.35
CA LEU A 500 -23.70 20.67 6.35
C LEU A 500 -22.55 20.38 5.41
N THR A 501 -22.13 19.12 5.35
CA THR A 501 -21.01 18.73 4.51
C THR A 501 -21.39 18.80 3.04
N ILE A 502 -20.46 19.30 2.22
CA ILE A 502 -20.65 19.36 0.78
C ILE A 502 -20.32 17.98 0.20
N THR A 503 -21.32 17.31 -0.36
CA THR A 503 -21.15 15.98 -0.94
C THR A 503 -21.77 15.96 -2.33
N LEU A 504 -21.32 14.98 -3.12
CA LEU A 504 -21.79 14.84 -4.49
C LEU A 504 -23.29 14.54 -4.53
N VAL A 505 -23.76 13.63 -3.67
CA VAL A 505 -25.15 13.24 -3.68
C VAL A 505 -26.05 14.41 -3.30
N ARG A 506 -25.58 15.27 -2.38
CA ARG A 506 -26.38 16.42 -1.97
C ARG A 506 -26.32 17.54 -3.01
N GLU A 507 -25.21 17.68 -3.72
CA GLU A 507 -25.09 18.73 -4.72
C GLU A 507 -26.07 18.54 -5.86
N GLU A 508 -26.47 17.29 -6.13
CA GLU A 508 -27.42 17.01 -7.20
C GLU A 508 -28.84 17.45 -6.87
N VAL A 509 -29.12 17.79 -5.62
CA VAL A 509 -30.46 18.24 -5.24
C VAL A 509 -30.49 19.66 -4.71
N ILE A 510 -29.39 20.17 -4.15
CA ILE A 510 -29.32 21.54 -3.64
C ILE A 510 -27.99 22.14 -4.07
N ASP A 511 -27.93 23.48 -4.04
CA ASP A 511 -26.72 24.20 -4.40
C ASP A 511 -25.92 24.52 -3.15
N PHE A 512 -24.62 24.23 -3.21
CA PHE A 512 -23.69 24.54 -2.13
C PHE A 512 -22.85 25.74 -2.50
N SER A 513 -22.67 26.64 -1.54
CA SER A 513 -21.77 27.77 -1.73
C SER A 513 -20.33 27.31 -1.54
N LYS A 514 -19.39 28.25 -1.58
CA LYS A 514 -18.01 27.92 -1.30
C LYS A 514 -17.86 27.50 0.16
N PRO A 515 -16.99 26.53 0.44
CA PRO A 515 -16.85 26.07 1.83
C PRO A 515 -16.31 27.18 2.72
N PHE A 516 -16.95 27.34 3.89
CA PHE A 516 -16.52 28.33 4.85
C PHE A 516 -15.70 27.75 6.00
N MET A 517 -15.52 26.43 6.04
CA MET A 517 -14.73 25.81 7.11
C MET A 517 -14.25 24.45 6.64
N SER A 518 -12.94 24.24 6.63
CA SER A 518 -12.35 22.97 6.25
C SER A 518 -12.44 21.97 7.40
N LEU A 519 -12.47 20.69 7.06
CA LEU A 519 -12.73 19.65 8.04
C LEU A 519 -12.26 18.32 7.47
N GLY A 520 -12.30 17.29 8.31
CA GLY A 520 -11.98 15.94 7.88
C GLY A 520 -12.55 14.95 8.87
N ILE A 521 -12.41 13.67 8.52
CA ILE A 521 -12.86 12.57 9.37
C ILE A 521 -11.74 12.22 10.35
N SER A 522 -12.06 12.19 11.64
CA SER A 522 -11.09 11.93 12.68
C SER A 522 -11.63 10.86 13.62
N ILE A 523 -10.71 10.24 14.36
CA ILE A 523 -11.03 9.18 15.30
C ILE A 523 -10.95 9.75 16.72
N MET A 524 -11.98 9.49 17.52
CA MET A 524 -12.05 9.97 18.89
C MET A 524 -12.19 8.78 19.82
N ILE A 525 -11.32 8.71 20.84
CA ILE A 525 -11.35 7.63 21.83
C ILE A 525 -11.13 8.23 23.21
N LYS A 526 -11.27 7.38 24.22
CA LYS A 526 -11.05 7.79 25.61
C LYS A 526 -9.57 8.07 25.85
N LYS A 527 -9.30 8.99 26.77
CA LYS A 527 -7.92 9.34 27.13
C LYS A 527 -7.20 8.16 27.76
N VAL A 651 0.78 6.75 24.21
CA VAL A 651 0.71 6.30 22.83
C VAL A 651 -0.48 5.38 22.63
N SER A 652 -1.40 5.80 21.76
CA SER A 652 -2.58 5.00 21.49
C SER A 652 -2.22 3.72 20.75
N PRO A 653 -2.91 2.62 21.02
CA PRO A 653 -2.61 1.37 20.32
C PRO A 653 -3.08 1.35 18.87
N ILE A 654 -4.02 2.23 18.50
CA ILE A 654 -4.58 2.20 17.15
C ILE A 654 -4.00 3.35 16.32
N GLU A 655 -4.15 4.58 16.82
CA GLU A 655 -3.70 5.78 16.11
C GLU A 655 -4.33 5.87 14.74
N SER A 656 -3.63 5.39 13.71
CA SER A 656 -4.16 5.44 12.35
C SER A 656 -5.35 4.51 12.18
N ALA A 657 -6.13 4.76 11.14
CA ALA A 657 -7.34 3.98 10.91
C ALA A 657 -7.05 2.58 10.41
N GLU A 658 -5.87 2.34 9.82
CA GLU A 658 -5.54 0.99 9.39
C GLU A 658 -5.45 0.03 10.56
N ASP A 659 -4.80 0.46 11.64
CA ASP A 659 -4.76 -0.35 12.86
C ASP A 659 -6.13 -0.45 13.50
N LEU A 660 -6.96 0.59 13.36
CA LEU A 660 -8.32 0.54 13.88
C LEU A 660 -9.14 -0.53 13.18
N SER A 661 -8.98 -0.66 11.86
CA SER A 661 -9.72 -1.66 11.12
C SER A 661 -9.14 -3.06 11.34
N LYS A 662 -7.81 -3.16 11.43
CA LYS A 662 -7.18 -4.47 11.63
C LYS A 662 -7.57 -5.09 12.96
N GLN A 663 -7.63 -4.28 14.02
CA GLN A 663 -7.95 -4.78 15.35
C GLN A 663 -9.46 -4.71 15.57
N THR A 664 -10.07 -5.87 15.77
CA THR A 664 -11.51 -5.98 16.02
C THR A 664 -11.86 -5.94 17.50
N GLU A 665 -10.86 -5.84 18.39
CA GLU A 665 -11.14 -5.81 19.82
C GLU A 665 -11.96 -4.57 20.19
N ILE A 666 -11.64 -3.43 19.61
CA ILE A 666 -12.32 -2.17 19.90
C ILE A 666 -13.36 -1.91 18.82
N ALA A 667 -14.45 -1.24 19.21
CA ALA A 667 -15.56 -0.98 18.32
C ALA A 667 -15.53 0.47 17.83
N TYR A 668 -15.97 0.67 16.59
CA TYR A 668 -16.02 2.00 16.00
C TYR A 668 -17.28 2.12 15.16
N GLY A 669 -17.82 3.34 15.10
CA GLY A 669 -19.02 3.60 14.33
C GLY A 669 -19.08 5.05 13.89
N THR A 670 -20.20 5.43 13.29
CA THR A 670 -20.40 6.79 12.82
C THR A 670 -21.72 7.34 13.31
N LEU A 671 -22.12 8.49 12.78
CA LEU A 671 -23.43 9.08 13.07
C LEU A 671 -24.41 8.69 11.97
N ASP A 672 -25.58 8.22 12.35
CA ASP A 672 -26.56 7.80 11.37
C ASP A 672 -27.14 9.00 10.61
N SER A 673 -27.57 8.73 9.38
CA SER A 673 -28.19 9.73 8.52
C SER A 673 -27.29 10.96 8.37
N GLY A 674 -25.99 10.72 8.23
CA GLY A 674 -25.03 11.79 8.08
C GLY A 674 -24.24 11.73 6.81
N SER A 675 -22.99 12.21 6.85
CA SER A 675 -22.11 12.16 5.68
C SER A 675 -20.92 11.23 5.86
N THR A 676 -20.54 10.89 7.09
CA THR A 676 -19.46 9.94 7.30
C THR A 676 -19.90 8.53 6.95
N LYS A 677 -21.12 8.15 7.37
CA LYS A 677 -21.63 6.82 7.02
C LYS A 677 -21.78 6.67 5.53
N GLU A 678 -22.26 7.72 4.85
CA GLU A 678 -22.33 7.68 3.39
C GLU A 678 -20.95 7.62 2.76
N PHE A 679 -19.96 8.25 3.38
CA PHE A 679 -18.60 8.15 2.87
C PHE A 679 -18.08 6.72 2.96
N PHE A 680 -18.35 6.06 4.09
CA PHE A 680 -17.89 4.67 4.24
C PHE A 680 -18.68 3.70 3.37
N ARG A 681 -19.96 3.98 3.14
CA ARG A 681 -20.79 3.07 2.36
C ARG A 681 -20.38 3.06 0.90
N ARG A 682 -20.17 4.23 0.31
CA ARG A 682 -19.83 4.36 -1.09
C ARG A 682 -18.33 4.30 -1.36
N SER A 683 -17.51 4.09 -0.34
CA SER A 683 -16.08 4.05 -0.53
C SER A 683 -15.66 2.79 -1.29
N LYS A 684 -14.50 2.89 -1.95
CA LYS A 684 -13.94 1.77 -2.69
C LYS A 684 -12.56 1.34 -2.21
N ILE A 685 -11.87 2.16 -1.42
CA ILE A 685 -10.60 1.77 -0.86
C ILE A 685 -10.79 0.62 0.12
N ALA A 686 -9.90 -0.37 0.05
CA ALA A 686 -10.14 -1.65 0.71
C ALA A 686 -10.31 -1.49 2.22
N VAL A 687 -9.48 -0.66 2.85
CA VAL A 687 -9.56 -0.50 4.30
C VAL A 687 -10.89 0.15 4.68
N PHE A 688 -11.38 1.08 3.86
CA PHE A 688 -12.69 1.67 4.12
C PHE A 688 -13.81 0.66 3.91
N ASP A 689 -13.67 -0.21 2.91
CA ASP A 689 -14.69 -1.24 2.72
C ASP A 689 -14.75 -2.20 3.90
N LYS A 690 -13.59 -2.61 4.41
CA LYS A 690 -13.62 -3.54 5.56
C LYS A 690 -14.14 -2.83 6.81
N MET A 691 -13.81 -1.54 6.99
CA MET A 691 -14.40 -0.78 8.07
C MET A 691 -15.92 -0.75 7.95
N TRP A 692 -16.42 -0.47 6.74
CA TRP A 692 -17.86 -0.36 6.54
C TRP A 692 -18.55 -1.70 6.78
N THR A 693 -17.94 -2.80 6.32
CA THR A 693 -18.51 -4.12 6.55
C THR A 693 -18.55 -4.45 8.04
N TYR A 694 -17.52 -4.02 8.78
CA TYR A 694 -17.56 -4.18 10.24
C TYR A 694 -18.73 -3.40 10.83
N MET A 695 -18.83 -2.11 10.51
CA MET A 695 -19.84 -1.26 11.15
C MET A 695 -21.26 -1.70 10.82
N ARG A 696 -21.53 -2.04 9.55
CA ARG A 696 -22.89 -2.41 9.18
C ARG A 696 -23.29 -3.74 9.81
N SER A 697 -22.40 -4.73 9.78
CA SER A 697 -22.65 -6.03 10.40
C SER A 697 -21.98 -6.10 11.76
N ALA A 698 -22.56 -5.35 12.71
CA ALA A 698 -22.06 -5.29 14.07
C ALA A 698 -23.21 -5.43 15.05
N GLU A 699 -22.92 -6.09 16.18
CA GLU A 699 -23.91 -6.32 17.23
C GLU A 699 -23.39 -5.75 18.54
N PRO A 700 -24.11 -4.83 19.19
CA PRO A 700 -25.41 -4.26 18.80
C PRO A 700 -25.26 -3.15 17.77
N SER A 701 -26.27 -2.29 17.62
CA SER A 701 -26.21 -1.19 16.68
C SER A 701 -25.09 -0.22 17.04
N VAL A 702 -24.03 -0.18 16.22
CA VAL A 702 -22.90 0.67 16.52
C VAL A 702 -23.20 2.14 16.23
N PHE A 703 -24.18 2.42 15.35
CA PHE A 703 -24.52 3.79 15.04
C PHE A 703 -25.27 4.45 16.19
N VAL A 704 -25.21 5.78 16.23
CA VAL A 704 -25.87 6.56 17.26
C VAL A 704 -26.75 7.61 16.59
N ARG A 705 -27.76 8.07 17.33
CA ARG A 705 -28.71 9.03 16.78
C ARG A 705 -28.13 10.44 16.75
N THR A 706 -27.37 10.82 17.77
CA THR A 706 -26.82 12.17 17.89
C THR A 706 -25.35 12.08 18.26
N THR A 707 -24.57 13.04 17.77
CA THR A 707 -23.14 13.07 18.07
C THR A 707 -22.88 13.22 19.57
N ALA A 708 -23.77 13.90 20.28
CA ALA A 708 -23.66 13.96 21.74
C ALA A 708 -23.85 12.58 22.35
N GLU A 709 -24.81 11.81 21.83
CA GLU A 709 -25.01 10.44 22.31
C GLU A 709 -23.77 9.59 22.04
N GLY A 710 -23.17 9.74 20.87
CA GLY A 710 -21.96 8.99 20.57
C GLY A 710 -20.78 9.38 21.45
N VAL A 711 -20.65 10.69 21.75
CA VAL A 711 -19.60 11.13 22.65
C VAL A 711 -19.81 10.55 24.06
N ALA A 712 -21.06 10.56 24.54
CA ALA A 712 -21.35 9.97 25.83
C ALA A 712 -21.05 8.47 25.83
N ARG A 713 -21.38 7.79 24.73
CA ARG A 713 -21.08 6.37 24.61
C ARG A 713 -19.58 6.12 24.66
N VAL A 714 -18.79 6.95 23.97
CA VAL A 714 -17.35 6.82 24.01
C VAL A 714 -16.83 7.03 25.42
N ARG A 715 -17.35 8.04 26.11
CA ARG A 715 -16.90 8.32 27.48
C ARG A 715 -17.26 7.18 28.43
N LYS A 716 -18.44 6.58 28.26
CA LYS A 716 -18.91 5.53 29.15
C LYS A 716 -18.45 4.14 28.74
N SER A 717 -17.74 4.00 27.63
CA SER A 717 -17.29 2.69 27.16
C SER A 717 -15.97 2.26 27.76
N LYS A 718 -15.40 3.06 28.66
CA LYS A 718 -14.12 2.74 29.32
C LYS A 718 -13.04 2.44 28.28
N GLY A 719 -12.99 3.27 27.24
CA GLY A 719 -11.98 3.11 26.21
C GLY A 719 -12.18 1.94 25.28
N LYS A 720 -13.41 1.45 25.15
CA LYS A 720 -13.71 0.31 24.30
C LYS A 720 -14.53 0.66 23.07
N TYR A 721 -14.85 1.95 22.87
CA TYR A 721 -15.61 2.37 21.70
C TYR A 721 -14.93 3.58 21.07
N ALA A 722 -14.81 3.56 19.74
CA ALA A 722 -14.21 4.64 18.99
C ALA A 722 -15.29 5.36 18.18
N TYR A 723 -15.14 6.67 18.03
CA TYR A 723 -16.07 7.49 17.27
C TYR A 723 -15.39 8.02 16.02
N LEU A 724 -16.09 7.93 14.89
CA LEU A 724 -15.65 8.52 13.63
C LEU A 724 -16.53 9.73 13.36
N LEU A 725 -15.96 10.93 13.49
CA LEU A 725 -16.73 12.16 13.36
C LEU A 725 -15.85 13.24 12.74
N GLU A 726 -16.44 14.40 12.53
CA GLU A 726 -15.74 15.51 11.88
C GLU A 726 -14.63 16.04 12.78
N SER A 727 -13.55 16.52 12.14
CA SER A 727 -12.39 16.98 12.88
C SER A 727 -12.70 18.17 13.76
N THR A 728 -13.53 19.10 13.25
CA THR A 728 -13.89 20.28 14.04
C THR A 728 -14.66 19.89 15.30
N MET A 729 -15.60 18.96 15.17
CA MET A 729 -16.36 18.51 16.33
C MET A 729 -15.45 17.82 17.34
N ASN A 730 -14.52 16.99 16.85
CA ASN A 730 -13.59 16.30 17.73
C ASN A 730 -12.70 17.29 18.48
N GLU A 731 -12.20 18.31 17.78
CA GLU A 731 -11.37 19.32 18.44
C GLU A 731 -12.17 20.10 19.48
N TYR A 732 -13.40 20.49 19.15
CA TYR A 732 -14.23 21.21 20.11
C TYR A 732 -14.50 20.36 21.34
N ILE A 733 -14.80 19.07 21.16
CA ILE A 733 -15.07 18.21 22.30
C ILE A 733 -13.80 18.02 23.14
N GLU A 734 -12.67 17.79 22.48
CA GLU A 734 -11.42 17.54 23.22
C GLU A 734 -10.90 18.77 23.93
N GLN A 735 -11.34 19.97 23.52
CA GLN A 735 -10.93 21.20 24.19
C GLN A 735 -11.93 21.66 25.24
N ARG A 736 -12.79 20.76 25.73
CA ARG A 736 -13.81 21.11 26.71
C ARG A 736 -13.80 20.09 27.84
N LYS A 737 -14.26 20.53 29.01
CA LYS A 737 -14.37 19.64 30.16
C LYS A 737 -15.39 18.55 29.88
N PRO A 738 -15.22 17.35 30.45
CA PRO A 738 -14.20 16.95 31.43
C PRO A 738 -12.88 16.48 30.80
N CYS A 739 -12.71 16.70 29.50
CA CYS A 739 -11.43 16.46 28.82
C CYS A 739 -10.98 15.00 28.93
N ASP A 740 -11.92 14.07 28.88
CA ASP A 740 -11.60 12.65 28.93
C ASP A 740 -11.52 12.01 27.56
N THR A 741 -11.69 12.78 26.49
CA THR A 741 -11.62 12.29 25.13
C THR A 741 -10.53 13.03 24.36
N MET A 742 -9.97 12.37 23.35
CA MET A 742 -8.90 12.95 22.57
C MET A 742 -8.91 12.35 21.17
N LYS A 743 -8.28 13.07 20.24
CA LYS A 743 -8.24 12.68 18.84
C LYS A 743 -6.93 11.97 18.52
N VAL A 744 -7.01 10.87 17.79
CA VAL A 744 -5.85 10.05 17.45
C VAL A 744 -5.67 10.04 15.94
N GLY A 745 -4.41 9.94 15.52
CA GLY A 745 -4.09 9.87 14.11
C GLY A 745 -4.32 11.20 13.40
N GLY A 746 -4.33 11.12 12.08
CA GLY A 746 -4.60 12.24 11.21
C GLY A 746 -6.05 12.31 10.81
N ASN A 747 -6.29 12.81 9.59
CA ASN A 747 -7.63 12.91 9.03
C ASN A 747 -7.74 11.96 7.84
N LEU A 748 -8.83 11.21 7.80
CA LEU A 748 -9.01 10.22 6.73
C LEU A 748 -9.09 10.90 5.37
N ASP A 749 -9.79 12.04 5.30
CA ASP A 749 -9.87 12.83 4.08
C ASP A 749 -10.16 14.27 4.48
N SER A 750 -10.51 15.09 3.49
CA SER A 750 -10.79 16.50 3.75
C SER A 750 -12.07 16.92 3.04
N LYS A 751 -12.98 17.55 3.77
CA LYS A 751 -14.20 18.10 3.21
C LYS A 751 -14.44 19.50 3.75
N GLY A 752 -15.63 20.05 3.52
CA GLY A 752 -15.94 21.37 4.01
C GLY A 752 -17.44 21.55 4.20
N TYR A 753 -17.79 22.49 5.07
CA TYR A 753 -19.17 22.86 5.30
C TYR A 753 -19.58 23.97 4.34
N GLY A 754 -20.79 23.87 3.80
CA GLY A 754 -21.30 24.86 2.89
C GLY A 754 -22.70 25.30 3.28
N ILE A 755 -23.06 26.50 2.83
CA ILE A 755 -24.39 27.05 3.04
C ILE A 755 -25.25 26.62 1.86
N ALA A 756 -26.32 25.89 2.15
CA ALA A 756 -27.12 25.25 1.12
C ALA A 756 -28.40 26.04 0.84
N THR A 757 -28.79 26.07 -0.42
CA THR A 757 -30.01 26.70 -0.90
C THR A 757 -30.73 25.74 -1.82
N PRO A 758 -32.05 25.88 -1.97
CA PRO A 758 -32.78 25.00 -2.88
C PRO A 758 -32.30 25.19 -4.31
N LYS A 759 -32.39 24.11 -5.09
CA LYS A 759 -31.90 24.12 -6.46
C LYS A 759 -32.59 25.21 -7.27
N GLY A 760 -31.80 26.00 -8.00
CA GLY A 760 -32.32 27.09 -8.77
C GLY A 760 -32.91 28.23 -7.96
N SER A 761 -32.28 28.56 -6.83
CA SER A 761 -32.74 29.66 -6.00
C SER A 761 -32.03 30.95 -6.37
N SER A 762 -32.67 32.07 -6.03
CA SER A 762 -32.13 33.39 -6.34
C SER A 762 -31.11 33.87 -5.31
N LEU A 763 -30.89 33.12 -4.24
CA LEU A 763 -29.97 33.53 -3.18
C LEU A 763 -28.60 32.89 -3.28
N GLY A 764 -28.38 31.98 -4.22
CA GLY A 764 -27.13 31.25 -4.27
C GLY A 764 -25.93 32.15 -4.56
N THR A 765 -26.05 33.00 -5.57
CA THR A 765 -24.97 33.93 -5.90
C THR A 765 -24.71 34.94 -4.79
N PRO A 766 -25.73 35.61 -4.21
CA PRO A 766 -25.43 36.52 -3.10
C PRO A 766 -24.77 35.84 -1.91
N VAL A 767 -25.19 34.63 -1.54
CA VAL A 767 -24.57 33.98 -0.39
C VAL A 767 -23.16 33.51 -0.74
N ASN A 768 -22.93 33.09 -1.97
CA ASN A 768 -21.57 32.73 -2.38
C ASN A 768 -20.64 33.93 -2.29
N LEU A 769 -21.09 35.08 -2.80
CA LEU A 769 -20.27 36.29 -2.73
C LEU A 769 -20.06 36.73 -1.28
N ALA A 770 -21.09 36.62 -0.45
CA ALA A 770 -20.97 36.99 0.96
C ALA A 770 -19.97 36.08 1.68
N VAL A 771 -20.02 34.78 1.41
CA VAL A 771 -19.07 33.85 2.03
C VAL A 771 -17.64 34.18 1.58
N LEU A 772 -17.45 34.46 0.29
CA LEU A 772 -16.13 34.82 -0.20
C LEU A 772 -15.62 36.11 0.48
N LYS A 773 -16.48 37.11 0.60
CA LYS A 773 -16.09 38.37 1.23
C LYS A 773 -15.75 38.16 2.70
N LEU A 774 -16.55 37.37 3.41
CA LEU A 774 -16.29 37.10 4.81
C LEU A 774 -14.98 36.34 4.99
N SER A 775 -14.70 35.39 4.09
CA SER A 775 -13.44 34.67 4.17
C SER A 775 -12.25 35.59 3.92
N GLU A 776 -12.38 36.49 2.94
CA GLU A 776 -11.28 37.41 2.65
C GLU A 776 -11.07 38.42 3.78
N GLN A 777 -12.14 38.85 4.45
CA GLN A 777 -12.03 39.84 5.51
C GLN A 777 -11.61 39.24 6.85
N GLY A 778 -11.46 37.93 6.94
CA GLY A 778 -11.06 37.31 8.18
C GLY A 778 -12.16 37.15 9.20
N VAL A 779 -13.42 37.34 8.81
CA VAL A 779 -14.53 37.17 9.75
C VAL A 779 -14.66 35.71 10.15
N LEU A 780 -14.47 34.80 9.21
CA LEU A 780 -14.54 33.37 9.52
C LEU A 780 -13.43 32.97 10.49
N ASP A 781 -12.22 33.49 10.29
CA ASP A 781 -11.14 33.24 11.23
C ASP A 781 -11.49 33.71 12.63
N LYS A 782 -12.05 34.92 12.73
CA LYS A 782 -12.42 35.47 14.03
C LYS A 782 -13.50 34.62 14.69
N LEU A 783 -14.50 34.19 13.92
CA LEU A 783 -15.59 33.39 14.48
C LEU A 783 -15.09 32.04 14.96
N LYS A 784 -14.23 31.38 14.17
CA LYS A 784 -13.68 30.11 14.59
C LYS A 784 -12.82 30.26 15.84
N ASN A 785 -12.02 31.33 15.90
CA ASN A 785 -11.20 31.57 17.08
C ASN A 785 -12.07 31.83 18.31
N LYS A 786 -13.17 32.56 18.13
CA LYS A 786 -14.06 32.85 19.25
C LYS A 786 -14.74 31.58 19.76
N TRP A 787 -15.23 30.74 18.86
CA TRP A 787 -16.05 29.60 19.25
C TRP A 787 -15.27 28.31 19.43
N TRP A 788 -13.96 28.31 19.17
CA TRP A 788 -13.17 27.09 19.32
C TRP A 788 -11.99 27.23 20.25
N TYR A 789 -11.39 28.41 20.38
CA TYR A 789 -10.20 28.59 21.20
C TYR A 789 -10.32 29.67 22.25
N ASP A 790 -11.22 30.65 22.07
CA ASP A 790 -11.28 31.78 22.99
C ASP A 790 -11.67 31.33 24.40
N LYS A 791 -12.64 30.42 24.52
CA LYS A 791 -13.05 29.96 25.84
C LYS A 791 -12.07 28.93 26.39
N GLY A 792 -11.95 27.79 25.71
CA GLY A 792 -11.00 26.75 26.07
C GLY A 792 -10.97 26.38 27.53
N GLU A 793 -12.05 25.80 28.04
CA GLU A 793 -12.15 25.44 29.46
C GLU A 793 -11.51 24.08 29.72
N CYS A 794 -10.23 23.98 29.34
CA CYS A 794 -9.45 22.77 29.56
C CYS A 794 -7.99 23.14 29.71
N GLY A 795 -7.26 22.32 30.45
CA GLY A 795 -5.84 22.54 30.65
C GLY A 795 -4.99 21.81 29.63
N ALA A 796 -4.57 22.51 28.58
CA ALA A 796 -3.77 21.91 27.52
C ALA A 796 -3.09 23.00 26.70
N LYS B 414 -18.86 -29.69 -18.01
CA LYS B 414 -18.90 -30.65 -16.91
C LYS B 414 -18.35 -30.04 -15.62
N THR B 415 -19.09 -30.20 -14.53
CA THR B 415 -18.69 -29.67 -13.23
C THR B 415 -17.73 -30.66 -12.57
N VAL B 416 -16.54 -30.17 -12.22
CA VAL B 416 -15.56 -31.00 -11.54
C VAL B 416 -15.58 -30.69 -10.05
N VAL B 417 -15.13 -31.65 -9.25
CA VAL B 417 -15.16 -31.53 -7.80
C VAL B 417 -13.73 -31.27 -7.29
N VAL B 418 -13.63 -30.34 -6.35
CA VAL B 418 -12.36 -29.99 -5.73
C VAL B 418 -12.37 -30.53 -4.30
N THR B 419 -11.56 -31.54 -4.04
CA THR B 419 -11.45 -32.09 -2.70
C THR B 419 -10.47 -31.28 -1.87
N THR B 420 -10.80 -31.10 -0.59
CA THR B 420 -9.99 -30.25 0.27
C THR B 420 -10.17 -30.69 1.71
N ILE B 421 -9.12 -30.52 2.51
CA ILE B 421 -9.13 -30.83 3.94
C ILE B 421 -9.67 -29.61 4.69
N LEU B 422 -10.21 -29.86 5.87
CA LEU B 422 -10.69 -28.80 6.75
C LEU B 422 -9.55 -28.38 7.65
N GLU B 423 -8.81 -27.35 7.25
CA GLU B 423 -7.65 -26.89 7.99
C GLU B 423 -7.54 -25.37 7.91
N SER B 424 -7.16 -24.76 9.02
CA SER B 424 -6.99 -23.31 9.07
C SER B 424 -5.53 -22.94 8.79
N PRO B 425 -5.28 -21.84 8.07
CA PRO B 425 -6.25 -20.93 7.44
C PRO B 425 -6.50 -21.30 5.99
N TYR B 426 -6.42 -22.58 5.65
CA TYR B 426 -6.62 -23.01 4.26
C TYR B 426 -8.11 -23.02 3.91
N VAL B 427 -8.89 -23.85 4.59
CA VAL B 427 -10.35 -23.87 4.44
C VAL B 427 -10.99 -24.02 5.82
N MET B 428 -11.87 -23.07 6.17
CA MET B 428 -12.65 -23.14 7.38
C MET B 428 -14.10 -22.78 7.07
N MET B 429 -15.02 -23.35 7.84
CA MET B 429 -16.42 -23.04 7.67
C MET B 429 -16.70 -21.60 8.07
N LYS B 430 -17.54 -20.93 7.27
CA LYS B 430 -17.90 -19.55 7.57
C LYS B 430 -18.73 -19.47 8.84
N LYS B 431 -18.70 -18.29 9.47
CA LYS B 431 -19.48 -18.09 10.69
C LYS B 431 -20.96 -18.28 10.42
N ASN B 432 -21.47 -17.70 9.35
CA ASN B 432 -22.88 -17.83 8.96
C ASN B 432 -23.07 -18.93 7.91
N HIS B 433 -22.53 -20.11 8.18
CA HIS B 433 -22.57 -21.22 7.24
C HIS B 433 -23.74 -22.16 7.50
N GLU B 434 -24.70 -21.75 8.34
CA GLU B 434 -25.90 -22.55 8.57
C GLU B 434 -26.98 -22.29 7.53
N MET B 435 -26.78 -21.34 6.61
CA MET B 435 -27.80 -21.02 5.63
C MET B 435 -27.24 -20.92 4.21
N LEU B 436 -25.93 -20.71 4.08
CA LEU B 436 -25.33 -20.69 2.75
C LEU B 436 -25.10 -22.11 2.24
N GLU B 437 -24.83 -22.19 0.94
CA GLU B 437 -24.62 -23.46 0.27
C GLU B 437 -23.60 -23.29 -0.85
N GLY B 438 -22.97 -24.39 -1.23
CA GLY B 438 -21.99 -24.34 -2.30
C GLY B 438 -20.65 -23.80 -1.84
N ASN B 439 -19.96 -23.13 -2.76
CA ASN B 439 -18.61 -22.63 -2.49
C ASN B 439 -18.62 -21.51 -1.46
N GLU B 440 -19.78 -20.93 -1.15
CA GLU B 440 -19.86 -19.84 -0.18
C GLU B 440 -19.84 -20.33 1.26
N ARG B 441 -19.85 -21.64 1.49
CA ARG B 441 -19.81 -22.19 2.84
C ARG B 441 -18.42 -22.20 3.44
N TYR B 442 -17.38 -21.99 2.65
CA TYR B 442 -16.01 -22.10 3.10
C TYR B 442 -15.23 -20.84 2.75
N GLU B 443 -14.21 -20.55 3.56
CA GLU B 443 -13.32 -19.42 3.32
C GLU B 443 -11.92 -19.80 3.79
N GLY B 444 -10.93 -19.16 3.20
CA GLY B 444 -9.55 -19.41 3.55
C GLY B 444 -8.64 -19.20 2.36
N TYR B 445 -7.43 -19.76 2.47
CA TYR B 445 -6.43 -19.63 1.42
C TYR B 445 -6.78 -20.49 0.21
N CYS B 446 -7.21 -21.73 0.45
CA CYS B 446 -7.41 -22.68 -0.64
C CYS B 446 -8.61 -22.32 -1.50
N VAL B 447 -9.66 -21.74 -0.90
CA VAL B 447 -10.80 -21.33 -1.70
C VAL B 447 -10.40 -20.19 -2.64
N ASP B 448 -9.58 -19.25 -2.15
CA ASP B 448 -9.07 -18.20 -3.02
C ASP B 448 -8.18 -18.76 -4.11
N LEU B 449 -7.35 -19.75 -3.77
CA LEU B 449 -6.51 -20.38 -4.79
C LEU B 449 -7.36 -21.06 -5.86
N ALA B 450 -8.41 -21.77 -5.46
CA ALA B 450 -9.30 -22.40 -6.42
C ALA B 450 -10.01 -21.37 -7.28
N ALA B 451 -10.43 -20.26 -6.68
CA ALA B 451 -11.05 -19.19 -7.44
C ALA B 451 -10.10 -18.63 -8.49
N GLU B 452 -8.84 -18.41 -8.12
CA GLU B 452 -7.86 -17.91 -9.07
C GLU B 452 -7.58 -18.94 -10.17
N ILE B 453 -7.53 -20.23 -9.82
CA ILE B 453 -7.33 -21.27 -10.82
C ILE B 453 -8.47 -21.27 -11.82
N ALA B 454 -9.71 -21.16 -11.33
CA ALA B 454 -10.86 -21.12 -12.23
C ALA B 454 -10.91 -19.84 -13.04
N LYS B 455 -10.37 -18.75 -12.50
CA LYS B 455 -10.31 -17.50 -13.26
C LYS B 455 -9.28 -17.62 -14.38
N HIS B 456 -8.20 -18.38 -14.16
CA HIS B 456 -7.19 -18.55 -15.20
C HIS B 456 -7.72 -19.38 -16.36
N CYS B 457 -8.41 -20.48 -16.05
CA CYS B 457 -8.95 -21.37 -17.06
C CYS B 457 -10.42 -21.62 -16.76
N GLY B 458 -11.26 -21.52 -17.79
CA GLY B 458 -12.70 -21.47 -17.60
C GLY B 458 -13.35 -22.80 -17.29
N PHE B 459 -13.16 -23.28 -16.06
CA PHE B 459 -13.82 -24.50 -15.61
C PHE B 459 -14.57 -24.18 -14.33
N LYS B 460 -15.71 -24.84 -14.15
CA LYS B 460 -16.56 -24.65 -12.98
C LYS B 460 -16.28 -25.75 -11.98
N TYR B 461 -16.15 -25.38 -10.70
CA TYR B 461 -15.72 -26.29 -9.65
C TYR B 461 -16.70 -26.25 -8.49
N LYS B 462 -16.76 -27.36 -7.77
CA LYS B 462 -17.57 -27.48 -6.55
C LYS B 462 -16.69 -28.08 -5.46
N LEU B 463 -16.57 -27.37 -4.34
CA LEU B 463 -15.71 -27.84 -3.25
C LEU B 463 -16.32 -29.06 -2.56
N THR B 464 -15.45 -30.00 -2.19
CA THR B 464 -15.84 -31.17 -1.42
C THR B 464 -14.81 -31.40 -0.34
N ILE B 465 -15.24 -32.06 0.74
CA ILE B 465 -14.40 -32.35 1.89
C ILE B 465 -14.30 -33.85 2.04
N VAL B 466 -13.08 -34.36 2.21
CA VAL B 466 -12.89 -35.80 2.40
C VAL B 466 -13.56 -36.23 3.71
N GLY B 467 -14.27 -37.36 3.64
CA GLY B 467 -15.02 -37.81 4.80
C GLY B 467 -14.14 -38.17 5.97
N ASP B 468 -13.07 -38.93 5.71
CA ASP B 468 -12.19 -39.36 6.78
C ASP B 468 -11.29 -38.25 7.31
N GLY B 469 -11.17 -37.15 6.58
CA GLY B 469 -10.33 -36.05 7.02
C GLY B 469 -8.86 -36.39 7.10
N LYS B 470 -8.36 -37.18 6.15
CA LYS B 470 -6.97 -37.60 6.12
C LYS B 470 -6.29 -37.01 4.89
N TYR B 471 -5.02 -36.61 5.06
CA TYR B 471 -4.29 -36.03 3.94
C TYR B 471 -3.93 -37.08 2.90
N GLY B 472 -3.67 -38.31 3.33
CA GLY B 472 -3.35 -39.38 2.41
C GLY B 472 -2.14 -40.21 2.79
N ALA B 473 -2.31 -41.52 2.86
CA ALA B 473 -1.22 -42.43 3.19
C ALA B 473 -1.54 -43.80 2.59
N ARG B 474 -0.67 -44.76 2.86
CA ARG B 474 -0.82 -46.13 2.39
C ARG B 474 -1.02 -47.05 3.59
N ASP B 475 -2.15 -47.75 3.61
CA ASP B 475 -2.39 -48.73 4.66
C ASP B 475 -1.41 -49.89 4.53
N ALA B 476 -0.88 -50.33 5.66
CA ALA B 476 0.15 -51.37 5.65
C ALA B 476 -0.47 -52.74 5.40
N ASP B 477 0.25 -53.56 4.64
CA ASP B 477 -0.08 -54.95 4.30
C ASP B 477 -1.35 -55.07 3.46
N THR B 478 -1.93 -53.96 3.00
CA THR B 478 -3.07 -54.00 2.11
C THR B 478 -2.86 -53.25 0.81
N LYS B 479 -1.86 -52.37 0.73
CA LYS B 479 -1.50 -51.65 -0.49
C LYS B 479 -2.69 -50.88 -1.06
N ILE B 480 -3.29 -50.06 -0.20
CA ILE B 480 -4.40 -49.19 -0.58
C ILE B 480 -4.10 -47.77 -0.14
N TRP B 481 -4.62 -46.80 -0.88
CA TRP B 481 -4.45 -45.40 -0.55
C TRP B 481 -5.71 -44.87 0.13
N ASN B 482 -5.52 -44.00 1.12
CA ASN B 482 -6.62 -43.41 1.86
C ASN B 482 -6.51 -41.89 1.81
N GLY B 483 -7.50 -41.22 2.40
CA GLY B 483 -7.48 -39.77 2.47
C GLY B 483 -7.69 -39.11 1.12
N MET B 484 -7.19 -37.87 1.02
CA MET B 484 -7.36 -37.09 -0.20
C MET B 484 -6.71 -37.79 -1.39
N VAL B 485 -5.45 -38.20 -1.24
CA VAL B 485 -4.77 -38.91 -2.33
C VAL B 485 -5.49 -40.22 -2.63
N GLY B 486 -5.94 -40.91 -1.59
CA GLY B 486 -6.63 -42.18 -1.79
C GLY B 486 -7.87 -42.04 -2.66
N GLU B 487 -8.71 -41.05 -2.35
CA GLU B 487 -9.91 -40.87 -3.15
C GLU B 487 -9.65 -40.11 -4.44
N LEU B 488 -8.47 -39.51 -4.61
CA LEU B 488 -8.08 -38.95 -5.89
C LEU B 488 -7.64 -40.03 -6.87
N VAL B 489 -6.96 -41.07 -6.37
CA VAL B 489 -6.48 -42.12 -7.27
C VAL B 489 -7.64 -42.92 -7.85
N TYR B 490 -8.66 -43.23 -7.04
CA TYR B 490 -9.75 -44.08 -7.47
C TYR B 490 -10.89 -43.32 -8.11
N GLY B 491 -10.65 -42.12 -8.61
CA GLY B 491 -11.58 -41.44 -9.47
C GLY B 491 -12.75 -40.75 -8.81
N LYS B 492 -12.76 -40.64 -7.48
CA LYS B 492 -13.82 -39.93 -6.79
C LYS B 492 -13.54 -38.44 -6.62
N ALA B 493 -12.45 -37.94 -7.19
CA ALA B 493 -12.17 -36.52 -7.25
C ALA B 493 -11.33 -36.22 -8.48
N ASP B 494 -11.35 -34.96 -8.89
CA ASP B 494 -10.66 -34.54 -10.11
C ASP B 494 -9.45 -33.66 -9.85
N ILE B 495 -9.43 -32.90 -8.77
CA ILE B 495 -8.30 -32.02 -8.46
C ILE B 495 -8.33 -31.72 -6.96
N ALA B 496 -7.16 -31.75 -6.33
CA ALA B 496 -7.02 -31.57 -4.90
C ALA B 496 -6.28 -30.25 -4.65
N ILE B 497 -7.04 -29.17 -4.54
CA ILE B 497 -6.48 -27.85 -4.21
C ILE B 497 -6.51 -27.77 -2.68
N ALA B 498 -5.43 -28.22 -2.06
CA ALA B 498 -5.35 -28.31 -0.61
C ALA B 498 -3.87 -28.34 -0.22
N PRO B 499 -3.55 -28.06 1.05
CA PRO B 499 -2.14 -28.12 1.46
C PRO B 499 -1.62 -29.55 1.47
N LEU B 500 -1.36 -30.09 0.29
CA LEU B 500 -0.88 -31.46 0.13
C LEU B 500 0.61 -31.43 -0.17
N THR B 501 1.40 -32.10 0.66
CA THR B 501 2.84 -32.11 0.50
C THR B 501 3.26 -32.99 -0.67
N ILE B 502 4.29 -32.54 -1.39
CA ILE B 502 4.83 -33.30 -2.51
C ILE B 502 5.81 -34.32 -1.96
N THR B 503 5.56 -35.60 -2.24
CA THR B 503 6.41 -36.68 -1.78
C THR B 503 6.61 -37.69 -2.92
N LEU B 504 7.70 -38.45 -2.81
CA LEU B 504 7.98 -39.45 -3.84
C LEU B 504 6.93 -40.54 -3.85
N VAL B 505 6.44 -40.96 -2.69
CA VAL B 505 5.42 -42.01 -2.63
C VAL B 505 4.11 -41.53 -3.26
N ARG B 506 3.79 -40.25 -3.10
CA ARG B 506 2.58 -39.71 -3.71
C ARG B 506 2.78 -39.42 -5.20
N GLU B 507 4.02 -39.12 -5.62
CA GLU B 507 4.26 -38.83 -7.03
C GLU B 507 4.12 -40.07 -7.91
N GLU B 508 4.19 -41.27 -7.33
CA GLU B 508 4.08 -42.49 -8.11
C GLU B 508 2.64 -42.86 -8.43
N VAL B 509 1.66 -42.14 -7.87
CA VAL B 509 0.25 -42.45 -8.13
C VAL B 509 -0.53 -41.25 -8.67
N ILE B 510 -0.10 -40.01 -8.41
CA ILE B 510 -0.79 -38.82 -8.88
C ILE B 510 0.23 -37.86 -9.47
N ASP B 511 -0.27 -36.79 -10.08
CA ASP B 511 0.57 -35.75 -10.65
C ASP B 511 0.52 -34.51 -9.77
N PHE B 512 1.69 -33.97 -9.45
CA PHE B 512 1.82 -32.78 -8.62
C PHE B 512 2.31 -31.62 -9.48
N SER B 513 1.63 -30.48 -9.37
CA SER B 513 2.09 -29.27 -10.02
C SER B 513 3.26 -28.67 -9.25
N LYS B 514 3.81 -27.57 -9.78
CA LYS B 514 4.87 -26.89 -9.07
C LYS B 514 4.34 -26.32 -7.76
N PRO B 515 5.16 -26.31 -6.70
CA PRO B 515 4.67 -25.84 -5.41
C PRO B 515 4.22 -24.40 -5.46
N PHE B 516 3.11 -24.11 -4.77
CA PHE B 516 2.62 -22.75 -4.68
C PHE B 516 3.02 -22.05 -3.40
N MET B 517 3.55 -22.79 -2.42
CA MET B 517 4.24 -22.17 -1.30
C MET B 517 5.11 -23.23 -0.61
N SER B 518 6.21 -22.78 -0.03
CA SER B 518 7.15 -23.67 0.63
C SER B 518 6.81 -23.82 2.11
N LEU B 519 7.46 -24.79 2.75
CA LEU B 519 7.14 -25.14 4.12
C LEU B 519 8.30 -25.96 4.69
N GLY B 520 8.09 -26.47 5.90
CA GLY B 520 9.07 -27.33 6.54
C GLY B 520 8.54 -27.84 7.87
N ILE B 521 9.08 -28.96 8.29
CA ILE B 521 8.70 -29.56 9.57
C ILE B 521 9.36 -28.77 10.70
N SER B 522 8.55 -28.34 11.66
CA SER B 522 9.02 -27.56 12.80
C SER B 522 8.52 -28.20 14.09
N ILE B 523 8.97 -27.65 15.21
CA ILE B 523 8.62 -28.14 16.54
C ILE B 523 7.79 -27.06 17.23
N MET B 524 6.71 -27.49 17.88
CA MET B 524 5.82 -26.60 18.61
C MET B 524 5.77 -27.00 20.07
N ILE B 525 6.05 -26.05 20.96
CA ILE B 525 5.97 -26.28 22.41
C ILE B 525 5.21 -25.13 23.04
N LYS B 526 4.76 -25.36 24.27
CA LYS B 526 4.10 -24.32 25.04
C LYS B 526 5.07 -23.19 25.36
N LYS B 527 4.59 -21.95 25.24
CA LYS B 527 5.44 -20.79 25.51
C LYS B 527 5.70 -20.66 27.01
N PRO B 528 6.95 -20.67 27.45
CA PRO B 528 7.23 -20.52 28.88
C PRO B 528 6.97 -19.10 29.35
N GLN B 529 6.84 -18.95 30.66
CA GLN B 529 6.59 -17.66 31.26
C GLN B 529 7.88 -16.82 31.28
N LYS B 530 7.72 -15.53 31.54
CA LYS B 530 8.84 -14.61 31.60
C LYS B 530 9.74 -14.93 32.78
N SER B 531 11.05 -14.92 32.55
CA SER B 531 12.03 -15.10 33.61
C SER B 531 12.30 -13.74 34.25
N LYS B 532 11.91 -13.58 35.51
CA LYS B 532 12.11 -12.30 36.19
C LYS B 532 13.56 -11.88 36.29
N PRO B 533 14.50 -12.74 36.72
CA PRO B 533 15.88 -12.25 36.77
C PRO B 533 16.53 -12.18 35.39
N LEU B 645 19.77 -5.89 34.05
CA LEU B 645 19.34 -5.96 35.45
C LEU B 645 17.91 -6.48 35.55
N THR B 646 16.95 -5.59 35.36
CA THR B 646 15.53 -5.95 35.39
C THR B 646 14.98 -6.23 34.00
N VAL B 647 15.53 -7.26 33.35
CA VAL B 647 15.18 -7.60 31.97
C VAL B 647 14.59 -9.01 31.96
N GLU B 648 13.46 -9.16 31.28
CA GLU B 648 12.81 -10.45 31.11
C GLU B 648 13.43 -11.19 29.93
N ARG B 649 13.62 -12.50 30.09
CA ARG B 649 14.22 -13.33 29.05
C ARG B 649 13.39 -14.59 28.87
N MET B 650 13.44 -15.13 27.66
CA MET B 650 12.74 -16.37 27.31
C MET B 650 13.76 -17.51 27.26
N VAL B 651 13.56 -18.51 28.09
CA VAL B 651 14.41 -19.70 28.14
C VAL B 651 13.54 -20.91 27.87
N SER B 652 13.87 -21.66 26.82
CA SER B 652 13.10 -22.83 26.43
C SER B 652 13.89 -24.11 26.69
N PRO B 653 13.22 -25.19 27.12
CA PRO B 653 13.95 -26.44 27.36
C PRO B 653 14.35 -27.16 26.08
N ILE B 654 13.75 -26.81 24.95
CA ILE B 654 14.06 -27.43 23.66
C ILE B 654 14.44 -26.32 22.69
N GLU B 655 15.60 -26.46 22.05
CA GLU B 655 16.07 -25.49 21.07
C GLU B 655 16.35 -26.08 19.70
N SER B 656 16.28 -27.41 19.56
CA SER B 656 16.50 -28.05 18.27
C SER B 656 15.89 -29.45 18.34
N ALA B 657 15.86 -30.11 17.19
CA ALA B 657 15.33 -31.48 17.15
C ALA B 657 16.30 -32.48 17.76
N GLU B 658 17.60 -32.18 17.74
CA GLU B 658 18.59 -33.10 18.29
C GLU B 658 18.43 -33.25 19.79
N ASP B 659 18.36 -32.13 20.52
CA ASP B 659 18.18 -32.20 21.96
C ASP B 659 16.80 -32.74 22.32
N LEU B 660 15.79 -32.48 21.49
CA LEU B 660 14.47 -33.08 21.71
C LEU B 660 14.54 -34.59 21.59
N SER B 661 15.29 -35.10 20.62
CA SER B 661 15.48 -36.54 20.50
C SER B 661 16.25 -37.10 21.68
N LYS B 662 17.27 -36.36 22.15
CA LYS B 662 18.09 -36.84 23.26
C LYS B 662 17.28 -36.89 24.56
N GLN B 663 16.56 -35.83 24.87
CA GLN B 663 15.80 -35.76 26.12
C GLN B 663 14.63 -36.74 26.11
N THR B 664 14.15 -37.04 27.31
CA THR B 664 13.07 -38.00 27.51
C THR B 664 11.85 -37.40 28.19
N GLU B 665 12.03 -36.39 29.06
CA GLU B 665 10.92 -35.90 29.87
C GLU B 665 9.79 -35.33 29.02
N ILE B 666 10.10 -34.57 27.98
CA ILE B 666 9.09 -33.98 27.10
C ILE B 666 8.84 -34.96 25.96
N ALA B 667 7.58 -35.34 25.80
CA ALA B 667 7.17 -36.24 24.72
C ALA B 667 6.84 -35.44 23.46
N TYR B 668 6.83 -36.14 22.33
CA TYR B 668 6.53 -35.50 21.06
C TYR B 668 5.89 -36.51 20.13
N GLY B 669 5.17 -35.99 19.13
CA GLY B 669 4.48 -36.85 18.18
C GLY B 669 4.06 -36.06 16.97
N THR B 670 3.68 -36.79 15.92
CA THR B 670 3.30 -36.23 14.64
C THR B 670 1.82 -36.50 14.37
N LEU B 671 1.33 -35.93 13.27
CA LEU B 671 -0.05 -36.13 12.84
C LEU B 671 -0.20 -37.50 12.19
N ASP B 672 -1.30 -38.18 12.51
CA ASP B 672 -1.56 -39.49 11.94
C ASP B 672 -1.89 -39.37 10.45
N SER B 673 -1.40 -40.33 9.67
CA SER B 673 -1.67 -40.41 8.23
C SER B 673 -1.28 -39.15 7.49
N GLY B 674 -0.16 -38.53 7.89
CA GLY B 674 0.33 -37.34 7.27
C GLY B 674 1.68 -37.53 6.60
N SER B 675 2.19 -36.45 6.03
CA SER B 675 3.49 -36.47 5.36
C SER B 675 4.68 -36.50 6.31
N THR B 676 4.58 -35.82 7.46
CA THR B 676 5.69 -35.78 8.40
C THR B 676 5.91 -37.15 9.04
N LYS B 677 4.83 -37.86 9.35
CA LYS B 677 4.97 -39.21 9.91
C LYS B 677 5.65 -40.14 8.92
N GLU B 678 5.27 -40.07 7.64
CA GLU B 678 5.94 -40.86 6.62
C GLU B 678 7.40 -40.46 6.47
N PHE B 679 7.68 -39.16 6.55
CA PHE B 679 9.05 -38.69 6.46
C PHE B 679 9.90 -39.25 7.58
N PHE B 680 9.37 -39.26 8.80
CA PHE B 680 10.10 -39.85 9.92
C PHE B 680 10.22 -41.36 9.78
N ARG B 681 9.25 -42.01 9.13
CA ARG B 681 9.27 -43.46 9.05
C ARG B 681 10.41 -43.97 8.18
N ARG B 682 10.65 -43.35 7.02
CA ARG B 682 11.66 -43.84 6.09
C ARG B 682 12.96 -43.02 6.14
N SER B 683 13.19 -42.30 7.24
CA SER B 683 14.36 -41.44 7.34
C SER B 683 15.57 -42.26 7.75
N LYS B 684 16.71 -41.95 7.15
CA LYS B 684 17.97 -42.61 7.46
C LYS B 684 18.91 -41.77 8.31
N ILE B 685 18.61 -40.50 8.53
CA ILE B 685 19.41 -39.68 9.42
C ILE B 685 19.27 -40.19 10.84
N ALA B 686 20.38 -40.15 11.59
CA ALA B 686 20.42 -40.77 12.91
C ALA B 686 19.41 -40.13 13.86
N VAL B 687 19.33 -38.80 13.85
CA VAL B 687 18.42 -38.11 14.77
C VAL B 687 16.97 -38.47 14.46
N PHE B 688 16.59 -38.41 13.18
CA PHE B 688 15.21 -38.72 12.82
C PHE B 688 14.92 -40.20 13.00
N ASP B 689 15.92 -41.06 12.76
CA ASP B 689 15.73 -42.49 13.00
C ASP B 689 15.46 -42.75 14.48
N LYS B 690 16.23 -42.10 15.36
CA LYS B 690 16.01 -42.27 16.80
C LYS B 690 14.65 -41.71 17.21
N MET B 691 14.25 -40.58 16.64
CA MET B 691 12.94 -40.01 16.96
C MET B 691 11.82 -40.95 16.53
N TRP B 692 11.95 -41.55 15.34
CA TRP B 692 10.94 -42.50 14.89
C TRP B 692 10.91 -43.74 15.78
N THR B 693 12.07 -44.24 16.19
CA THR B 693 12.10 -45.40 17.08
C THR B 693 11.42 -45.10 18.40
N TYR B 694 11.63 -43.88 18.93
CA TYR B 694 10.92 -43.49 20.14
C TYR B 694 9.42 -43.39 19.90
N MET B 695 9.03 -42.82 18.75
CA MET B 695 7.61 -42.57 18.49
C MET B 695 6.83 -43.86 18.33
N ARG B 696 7.39 -44.82 17.58
CA ARG B 696 6.64 -46.05 17.29
C ARG B 696 6.42 -46.87 18.55
N SER B 697 7.31 -46.75 19.53
CA SER B 697 7.24 -47.51 20.78
C SER B 697 6.87 -46.64 21.96
N ALA B 698 5.98 -45.67 21.78
CA ALA B 698 5.58 -44.76 22.84
C ALA B 698 4.22 -45.15 23.38
N GLU B 699 4.10 -45.22 24.71
CA GLU B 699 2.86 -45.55 25.39
C GLU B 699 2.60 -44.49 26.45
N PRO B 700 1.47 -43.75 26.39
CA PRO B 700 0.40 -43.83 25.40
C PRO B 700 0.80 -43.24 24.06
N SER B 701 -0.04 -43.40 23.03
CA SER B 701 0.31 -42.94 21.69
C SER B 701 0.49 -41.43 21.66
N VAL B 702 1.46 -40.98 20.86
CA VAL B 702 1.76 -39.56 20.73
C VAL B 702 1.22 -38.96 19.44
N PHE B 703 0.67 -39.79 18.55
CA PHE B 703 0.10 -39.28 17.31
C PHE B 703 -1.32 -38.77 17.54
N VAL B 704 -1.75 -37.85 16.67
CA VAL B 704 -3.05 -37.20 16.80
C VAL B 704 -3.77 -37.29 15.47
N ARG B 705 -5.10 -37.26 15.56
CA ARG B 705 -5.95 -37.37 14.38
C ARG B 705 -6.13 -36.06 13.63
N THR B 706 -5.83 -34.93 14.26
CA THR B 706 -5.97 -33.63 13.62
C THR B 706 -4.92 -32.68 14.17
N THR B 707 -4.60 -31.66 13.38
CA THR B 707 -3.67 -30.63 13.83
C THR B 707 -4.24 -29.87 15.03
N ALA B 708 -5.54 -29.58 15.00
CA ALA B 708 -6.17 -28.91 16.13
C ALA B 708 -6.07 -29.74 17.40
N GLU B 709 -6.24 -31.06 17.27
CA GLU B 709 -6.10 -31.93 18.44
C GLU B 709 -4.68 -31.90 18.98
N GLY B 710 -3.68 -31.87 18.09
CA GLY B 710 -2.31 -31.77 18.56
C GLY B 710 -2.02 -30.46 19.27
N VAL B 711 -2.55 -29.35 18.73
CA VAL B 711 -2.36 -28.06 19.39
C VAL B 711 -3.06 -28.05 20.74
N ALA B 712 -4.24 -28.67 20.83
CA ALA B 712 -4.91 -28.79 22.12
C ALA B 712 -4.08 -29.61 23.10
N ARG B 713 -3.45 -30.68 22.62
CA ARG B 713 -2.57 -31.47 23.47
C ARG B 713 -1.40 -30.63 23.98
N VAL B 714 -0.79 -29.83 23.10
CA VAL B 714 0.31 -28.97 23.53
C VAL B 714 -0.17 -27.97 24.57
N ARG B 715 -1.34 -27.37 24.36
CA ARG B 715 -1.84 -26.35 25.27
C ARG B 715 -2.23 -26.93 26.63
N LYS B 716 -2.75 -28.16 26.66
CA LYS B 716 -3.24 -28.78 27.88
C LYS B 716 -2.19 -29.65 28.58
N SER B 717 -1.04 -29.89 27.94
CA SER B 717 -0.03 -30.77 28.51
C SER B 717 0.90 -30.06 29.49
N LYS B 718 0.80 -28.75 29.61
CA LYS B 718 1.62 -27.96 30.54
C LYS B 718 3.12 -28.18 30.26
N GLY B 719 3.48 -28.15 28.99
CA GLY B 719 4.88 -28.24 28.60
C GLY B 719 5.43 -29.64 28.49
N LYS B 720 4.60 -30.67 28.70
CA LYS B 720 5.06 -32.06 28.62
C LYS B 720 4.77 -32.69 27.26
N TYR B 721 4.55 -31.89 26.22
CA TYR B 721 4.30 -32.41 24.89
C TYR B 721 4.79 -31.41 23.86
N ALA B 722 5.35 -31.94 22.77
CA ALA B 722 5.81 -31.14 21.64
C ALA B 722 5.17 -31.66 20.36
N TYR B 723 4.76 -30.74 19.50
CA TYR B 723 4.04 -31.08 18.28
C TYR B 723 4.92 -30.81 17.06
N LEU B 724 5.07 -31.82 16.21
CA LEU B 724 5.83 -31.69 14.97
C LEU B 724 4.82 -31.53 13.83
N LEU B 725 4.82 -30.35 13.21
CA LEU B 725 3.86 -30.01 12.18
C LEU B 725 4.55 -29.13 11.14
N GLU B 726 3.81 -28.80 10.09
CA GLU B 726 4.35 -27.93 9.05
C GLU B 726 4.54 -26.52 9.58
N SER B 727 5.54 -25.83 9.05
CA SER B 727 5.88 -24.51 9.54
C SER B 727 4.77 -23.50 9.28
N THR B 728 3.99 -23.69 8.22
CA THR B 728 2.92 -22.75 7.91
C THR B 728 1.83 -22.78 8.99
N MET B 729 1.33 -23.98 9.31
CA MET B 729 0.33 -24.10 10.37
C MET B 729 0.89 -23.69 11.71
N ASN B 730 2.15 -24.05 11.98
CA ASN B 730 2.78 -23.67 13.23
C ASN B 730 2.80 -22.15 13.40
N GLU B 731 3.28 -21.44 12.37
CA GLU B 731 3.33 -19.98 12.44
C GLU B 731 1.94 -19.37 12.55
N TYR B 732 0.99 -19.89 11.77
CA TYR B 732 -0.37 -19.34 11.81
C TYR B 732 -1.00 -19.48 13.18
N ILE B 733 -0.86 -20.66 13.79
CA ILE B 733 -1.44 -20.87 15.11
C ILE B 733 -0.69 -20.05 16.16
N GLU B 734 0.64 -19.93 16.02
CA GLU B 734 1.41 -19.10 16.93
C GLU B 734 0.98 -17.65 16.87
N GLN B 735 0.55 -17.18 15.71
CA GLN B 735 0.13 -15.79 15.55
C GLN B 735 -1.36 -15.59 15.78
N ARG B 736 -2.01 -16.45 16.56
CA ARG B 736 -3.43 -16.30 16.86
C ARG B 736 -3.69 -16.55 18.34
N LYS B 737 -4.75 -15.94 18.85
CA LYS B 737 -5.06 -16.03 20.26
C LYS B 737 -5.41 -17.48 20.66
N PRO B 738 -5.09 -17.88 21.89
CA PRO B 738 -4.48 -17.10 22.96
C PRO B 738 -2.95 -17.03 22.87
N CYS B 739 -2.39 -17.64 21.83
CA CYS B 739 -0.95 -17.61 21.54
C CYS B 739 -0.10 -17.87 22.79
N ASP B 740 -0.25 -19.08 23.32
CA ASP B 740 0.59 -19.57 24.40
C ASP B 740 1.58 -20.62 23.93
N THR B 741 1.79 -20.74 22.62
CA THR B 741 2.74 -21.67 22.03
C THR B 741 3.70 -20.92 21.12
N MET B 742 4.88 -21.49 20.91
CA MET B 742 5.88 -20.89 20.04
C MET B 742 6.62 -22.00 19.28
N LYS B 743 7.26 -21.60 18.19
CA LYS B 743 8.05 -22.50 17.37
C LYS B 743 9.52 -22.37 17.74
N VAL B 744 10.18 -23.51 17.94
CA VAL B 744 11.58 -23.55 18.35
C VAL B 744 12.41 -24.21 17.27
N GLY B 745 13.70 -23.88 17.24
CA GLY B 745 14.60 -24.47 16.26
C GLY B 745 14.36 -23.93 14.87
N GLY B 746 14.73 -24.76 13.88
CA GLY B 746 14.53 -24.45 12.49
C GLY B 746 13.76 -25.55 11.79
N ASN B 747 13.59 -25.36 10.48
CA ASN B 747 12.86 -26.34 9.68
C ASN B 747 13.71 -27.58 9.49
N LEU B 748 13.13 -28.74 9.83
CA LEU B 748 13.85 -30.01 9.69
C LEU B 748 14.11 -30.35 8.22
N ASP B 749 13.33 -29.81 7.31
CA ASP B 749 13.50 -30.07 5.88
C ASP B 749 12.77 -28.98 5.10
N SER B 750 13.01 -28.96 3.80
CA SER B 750 12.36 -28.02 2.89
C SER B 750 11.44 -28.81 1.97
N LYS B 751 10.15 -28.45 1.98
CA LYS B 751 9.14 -29.13 1.17
C LYS B 751 8.24 -28.07 0.54
N GLY B 752 7.18 -28.52 -0.12
CA GLY B 752 6.25 -27.61 -0.75
C GLY B 752 4.87 -28.21 -0.85
N TYR B 753 3.90 -27.36 -1.16
CA TYR B 753 2.51 -27.75 -1.34
C TYR B 753 2.19 -27.72 -2.82
N GLY B 754 1.78 -28.86 -3.37
CA GLY B 754 1.47 -28.96 -4.77
C GLY B 754 0.01 -29.32 -5.00
N ILE B 755 -0.54 -28.80 -6.10
CA ILE B 755 -1.90 -29.13 -6.50
C ILE B 755 -1.90 -30.52 -7.12
N ALA B 756 -2.74 -31.40 -6.60
CA ALA B 756 -2.74 -32.80 -6.99
C ALA B 756 -3.79 -33.06 -8.08
N THR B 757 -3.44 -33.92 -9.02
CA THR B 757 -4.27 -34.24 -10.17
C THR B 757 -4.01 -35.69 -10.55
N PRO B 758 -5.03 -36.46 -10.89
CA PRO B 758 -4.81 -37.88 -11.23
C PRO B 758 -3.90 -38.03 -12.44
N LYS B 759 -3.21 -39.17 -12.49
CA LYS B 759 -2.26 -39.43 -13.56
C LYS B 759 -2.97 -39.48 -14.91
N GLY B 760 -2.32 -38.89 -15.92
CA GLY B 760 -2.88 -38.89 -17.26
C GLY B 760 -4.16 -38.09 -17.40
N SER B 761 -4.26 -36.99 -16.67
CA SER B 761 -5.43 -36.12 -16.73
C SER B 761 -5.12 -34.88 -17.58
N SER B 762 -6.18 -34.31 -18.15
CA SER B 762 -6.05 -33.15 -19.01
C SER B 762 -5.90 -31.84 -18.24
N LEU B 763 -6.04 -31.87 -16.91
CA LEU B 763 -5.96 -30.66 -16.10
C LEU B 763 -4.56 -30.38 -15.57
N GLY B 764 -3.63 -31.31 -15.69
CA GLY B 764 -2.31 -31.12 -15.07
C GLY B 764 -1.57 -29.93 -15.65
N THR B 765 -1.45 -29.88 -16.97
CA THR B 765 -0.77 -28.76 -17.61
C THR B 765 -1.47 -27.43 -17.37
N PRO B 766 -2.80 -27.31 -17.52
CA PRO B 766 -3.44 -26.01 -17.21
C PRO B 766 -3.22 -25.55 -15.79
N VAL B 767 -3.33 -26.43 -14.80
CA VAL B 767 -3.16 -25.99 -13.41
C VAL B 767 -1.70 -25.65 -13.13
N ASN B 768 -0.76 -26.40 -13.72
CA ASN B 768 0.65 -26.06 -13.56
C ASN B 768 0.95 -24.69 -14.14
N LEU B 769 0.45 -24.41 -15.34
CA LEU B 769 0.66 -23.10 -15.95
C LEU B 769 -0.02 -22.00 -15.14
N ALA B 770 -1.19 -22.30 -14.57
CA ALA B 770 -1.88 -21.32 -13.74
C ALA B 770 -1.10 -21.00 -12.47
N VAL B 771 -0.52 -22.02 -11.83
CA VAL B 771 0.31 -21.79 -10.66
C VAL B 771 1.52 -20.94 -11.03
N LEU B 772 2.16 -21.24 -12.17
CA LEU B 772 3.29 -20.43 -12.61
C LEU B 772 2.87 -18.98 -12.84
N LYS B 773 1.74 -18.77 -13.50
CA LYS B 773 1.27 -17.41 -13.77
C LYS B 773 0.95 -16.67 -12.48
N LEU B 774 0.30 -17.34 -11.53
CA LEU B 774 -0.02 -16.71 -10.25
C LEU B 774 1.24 -16.37 -9.48
N SER B 775 2.24 -17.25 -9.51
CA SER B 775 3.50 -16.96 -8.84
C SER B 775 4.19 -15.76 -9.47
N GLU B 776 4.20 -15.68 -10.80
CA GLU B 776 4.84 -14.56 -11.48
C GLU B 776 4.11 -13.25 -11.18
N GLN B 777 2.77 -13.27 -11.18
CA GLN B 777 2.02 -12.06 -10.92
C GLN B 777 2.20 -11.58 -9.49
N GLY B 778 2.21 -12.51 -8.53
CA GLY B 778 2.29 -12.15 -7.13
C GLY B 778 1.02 -12.38 -6.34
N VAL B 779 0.04 -13.10 -6.90
CA VAL B 779 -1.19 -13.37 -6.17
C VAL B 779 -0.92 -14.29 -4.99
N LEU B 780 0.01 -15.23 -5.15
CA LEU B 780 0.34 -16.14 -4.05
C LEU B 780 0.90 -15.38 -2.86
N ASP B 781 1.80 -14.42 -3.11
CA ASP B 781 2.40 -13.66 -2.02
C ASP B 781 1.35 -12.83 -1.28
N LYS B 782 0.46 -12.17 -2.01
CA LYS B 782 -0.54 -11.35 -1.35
C LYS B 782 -1.57 -12.20 -0.60
N LEU B 783 -1.91 -13.37 -1.14
CA LEU B 783 -2.78 -14.30 -0.41
C LEU B 783 -2.12 -14.76 0.89
N LYS B 784 -0.83 -15.11 0.82
CA LYS B 784 -0.11 -15.50 2.03
C LYS B 784 -0.09 -14.36 3.04
N ASN B 785 0.18 -13.14 2.57
CA ASN B 785 0.26 -12.00 3.48
C ASN B 785 -1.08 -11.69 4.13
N LYS B 786 -2.17 -11.79 3.37
CA LYS B 786 -3.48 -11.42 3.88
C LYS B 786 -4.18 -12.57 4.60
N TRP B 787 -3.63 -13.79 4.56
CA TRP B 787 -4.19 -14.86 5.38
C TRP B 787 -3.26 -15.34 6.49
N TRP B 788 -2.04 -14.82 6.57
CA TRP B 788 -1.10 -15.22 7.62
C TRP B 788 -0.65 -14.08 8.51
N TYR B 789 -0.48 -12.88 7.98
CA TYR B 789 0.01 -11.75 8.76
C TYR B 789 -1.02 -10.64 8.96
N ASP B 790 -2.13 -10.65 8.22
CA ASP B 790 -3.13 -9.61 8.37
C ASP B 790 -4.20 -9.98 9.40
N LYS B 791 -4.37 -11.28 9.65
CA LYS B 791 -5.39 -11.76 10.59
C LYS B 791 -4.81 -12.14 11.94
N GLY B 792 -3.56 -11.78 12.21
CA GLY B 792 -2.93 -12.11 13.48
C GLY B 792 -3.13 -11.05 14.54
N GLU B 793 -2.83 -11.44 15.78
CA GLU B 793 -2.96 -10.54 16.92
C GLU B 793 -1.95 -10.95 17.98
N CYS B 794 -2.07 -10.35 19.16
CA CYS B 794 -1.16 -10.57 20.30
C CYS B 794 0.31 -10.53 19.88
N LYS C 414 24.36 -45.10 -24.69
CA LYS C 414 24.54 -43.81 -25.34
C LYS C 414 24.78 -42.71 -24.32
N THR C 415 25.80 -41.88 -24.57
CA THR C 415 26.10 -40.78 -23.67
C THR C 415 25.02 -39.71 -23.77
N VAL C 416 24.92 -38.90 -22.72
CA VAL C 416 23.94 -37.82 -22.63
C VAL C 416 24.69 -36.51 -22.53
N VAL C 417 24.36 -35.57 -23.41
CA VAL C 417 25.00 -34.26 -23.42
C VAL C 417 24.30 -33.35 -22.41
N VAL C 418 25.07 -32.80 -21.48
CA VAL C 418 24.56 -31.91 -20.45
C VAL C 418 25.15 -30.52 -20.70
N THR C 419 24.29 -29.50 -20.65
CA THR C 419 24.71 -28.12 -20.82
C THR C 419 24.73 -27.43 -19.46
N THR C 420 25.84 -26.76 -19.16
CA THR C 420 26.00 -26.05 -17.90
C THR C 420 26.55 -24.66 -18.19
N ILE C 421 26.55 -23.83 -17.14
CA ILE C 421 27.08 -22.47 -17.22
C ILE C 421 28.08 -22.30 -16.09
N LEU C 422 29.14 -21.55 -16.37
CA LEU C 422 30.23 -21.35 -15.40
C LEU C 422 29.73 -20.40 -14.32
N GLU C 423 29.23 -20.97 -13.24
CA GLU C 423 28.67 -20.20 -12.14
C GLU C 423 29.10 -20.81 -10.82
N SER C 424 29.51 -19.96 -9.88
CA SER C 424 29.90 -20.46 -8.58
C SER C 424 28.76 -20.32 -7.58
N PRO C 425 28.57 -21.30 -6.69
CA PRO C 425 29.32 -22.54 -6.55
C PRO C 425 28.71 -23.70 -7.32
N TYR C 426 27.98 -23.42 -8.40
CA TYR C 426 27.28 -24.46 -9.13
C TYR C 426 28.23 -25.25 -10.03
N VAL C 427 28.88 -24.57 -10.97
CA VAL C 427 29.87 -25.19 -11.85
C VAL C 427 31.12 -24.32 -11.80
N MET C 428 32.21 -24.88 -11.29
CA MET C 428 33.48 -24.17 -11.25
C MET C 428 34.49 -24.86 -12.16
N MET C 429 35.58 -24.15 -12.42
CA MET C 429 36.69 -24.70 -13.18
C MET C 429 37.77 -25.12 -12.18
N LYS C 430 38.15 -26.39 -12.22
CA LYS C 430 39.11 -26.91 -11.26
C LYS C 430 40.46 -26.20 -11.39
N LYS C 431 41.14 -26.03 -10.26
CA LYS C 431 42.41 -25.31 -10.25
C LYS C 431 43.43 -25.95 -11.18
N ASN C 432 43.58 -27.27 -11.09
CA ASN C 432 44.41 -28.04 -12.00
C ASN C 432 43.48 -28.74 -12.98
N HIS C 433 43.24 -28.08 -14.12
CA HIS C 433 42.32 -28.59 -15.13
C HIS C 433 42.91 -28.67 -16.53
N GLU C 434 44.07 -28.07 -16.76
CA GLU C 434 44.69 -28.14 -18.09
C GLU C 434 45.11 -29.57 -18.44
N MET C 435 45.26 -30.43 -17.44
CA MET C 435 45.66 -31.81 -17.65
C MET C 435 44.53 -32.80 -17.32
N LEU C 436 43.29 -32.32 -17.22
CA LEU C 436 42.14 -33.15 -16.92
C LEU C 436 41.15 -33.12 -18.07
N GLU C 437 40.69 -34.30 -18.48
CA GLU C 437 39.74 -34.44 -19.56
C GLU C 437 38.42 -34.98 -19.02
N GLY C 438 37.36 -34.81 -19.81
CA GLY C 438 36.05 -35.29 -19.42
C GLY C 438 35.42 -34.44 -18.33
N ASN C 439 34.53 -35.08 -17.58
CA ASN C 439 33.82 -34.39 -16.50
C ASN C 439 34.69 -34.20 -15.26
N GLU C 440 35.94 -34.64 -15.29
CA GLU C 440 36.81 -34.58 -14.11
C GLU C 440 37.42 -33.21 -13.87
N ARG C 441 37.25 -32.27 -14.79
CA ARG C 441 37.78 -30.92 -14.62
C ARG C 441 36.76 -29.94 -14.05
N TYR C 442 35.56 -30.39 -13.74
CA TYR C 442 34.52 -29.52 -13.20
C TYR C 442 34.17 -29.94 -11.78
N GLU C 443 33.73 -28.96 -10.99
CA GLU C 443 33.31 -29.20 -9.62
C GLU C 443 32.26 -28.19 -9.24
N GLY C 444 31.46 -28.54 -8.24
CA GLY C 444 30.46 -27.63 -7.73
C GLY C 444 29.19 -28.37 -7.36
N TYR C 445 28.19 -27.59 -6.95
CA TYR C 445 26.89 -28.16 -6.58
C TYR C 445 26.25 -28.86 -7.77
N CYS C 446 26.30 -28.23 -8.94
CA CYS C 446 25.63 -28.79 -10.11
C CYS C 446 26.33 -30.04 -10.62
N VAL C 447 27.66 -30.11 -10.51
CA VAL C 447 28.37 -31.32 -10.91
C VAL C 447 27.95 -32.50 -10.04
N ASP C 448 27.88 -32.28 -8.72
CA ASP C 448 27.44 -33.33 -7.81
C ASP C 448 26.00 -33.71 -8.07
N LEU C 449 25.15 -32.72 -8.35
CA LEU C 449 23.75 -33.00 -8.64
C LEU C 449 23.62 -33.85 -9.90
N ALA C 450 24.38 -33.51 -10.95
CA ALA C 450 24.35 -34.30 -12.18
C ALA C 450 24.85 -35.72 -11.94
N ALA C 451 25.92 -35.85 -11.15
CA ALA C 451 26.43 -37.18 -10.84
C ALA C 451 25.40 -38.02 -10.10
N GLU C 452 24.72 -37.43 -9.12
CA GLU C 452 23.71 -38.18 -8.37
C GLU C 452 22.50 -38.50 -9.24
N ILE C 453 22.11 -37.58 -10.12
CA ILE C 453 20.99 -37.84 -11.04
C ILE C 453 21.33 -39.01 -11.95
N ALA C 454 22.55 -39.01 -12.50
CA ALA C 454 22.97 -40.10 -13.38
C ALA C 454 23.04 -41.42 -12.61
N LYS C 455 23.52 -41.37 -11.36
CA LYS C 455 23.58 -42.59 -10.55
C LYS C 455 22.18 -43.14 -10.28
N HIS C 456 21.23 -42.26 -9.97
CA HIS C 456 19.86 -42.72 -9.70
C HIS C 456 19.21 -43.28 -10.95
N CYS C 457 19.33 -42.58 -12.08
CA CYS C 457 18.68 -43.04 -13.30
C CYS C 457 19.48 -44.17 -13.96
N GLY C 458 20.77 -43.96 -14.17
CA GLY C 458 21.61 -45.02 -14.69
C GLY C 458 22.13 -44.81 -16.11
N PHE C 459 22.47 -43.58 -16.46
CA PHE C 459 23.10 -43.30 -17.75
C PHE C 459 24.45 -42.65 -17.52
N LYS C 460 25.28 -42.66 -18.57
CA LYS C 460 26.53 -41.93 -18.57
C LYS C 460 26.33 -40.58 -19.24
N TYR C 461 27.01 -39.56 -18.74
CA TYR C 461 26.77 -38.18 -19.16
C TYR C 461 28.09 -37.46 -19.42
N LYS C 462 28.00 -36.40 -20.22
CA LYS C 462 29.13 -35.53 -20.50
C LYS C 462 28.72 -34.09 -20.26
N LEU C 463 29.48 -33.40 -19.41
CA LEU C 463 29.19 -32.01 -19.09
C LEU C 463 29.78 -31.09 -20.15
N THR C 464 29.01 -30.06 -20.52
CA THR C 464 29.44 -29.11 -21.54
C THR C 464 29.02 -27.72 -21.11
N ILE C 465 29.81 -26.72 -21.49
CA ILE C 465 29.52 -25.32 -21.22
C ILE C 465 28.86 -24.73 -22.46
N VAL C 466 27.73 -24.05 -22.26
CA VAL C 466 27.02 -23.43 -23.36
C VAL C 466 27.94 -22.41 -24.04
N GLY C 467 27.87 -22.35 -25.38
CA GLY C 467 28.78 -21.51 -26.13
C GLY C 467 28.69 -20.05 -25.73
N ASP C 468 27.48 -19.57 -25.46
CA ASP C 468 27.27 -18.22 -24.96
C ASP C 468 26.81 -18.30 -23.51
N GLY C 469 27.51 -17.59 -22.63
CA GLY C 469 27.23 -17.67 -21.21
C GLY C 469 25.93 -17.01 -20.82
N LYS C 470 24.83 -17.48 -21.40
CA LYS C 470 23.51 -16.95 -21.16
C LYS C 470 22.59 -18.04 -20.63
N TYR C 471 21.70 -17.67 -19.71
CA TYR C 471 20.75 -18.63 -19.18
C TYR C 471 19.64 -18.93 -20.18
N GLY C 472 19.24 -17.94 -20.97
CA GLY C 472 18.21 -18.15 -21.98
C GLY C 472 17.09 -17.12 -21.93
N ALA C 473 16.87 -16.46 -23.06
CA ALA C 473 15.83 -15.43 -23.16
C ALA C 473 15.29 -15.43 -24.59
N ARG C 474 14.55 -14.39 -24.93
CA ARG C 474 13.94 -14.24 -26.25
C ARG C 474 14.44 -12.96 -26.89
N ASP C 475 14.85 -13.05 -28.15
CA ASP C 475 15.37 -11.90 -28.87
C ASP C 475 14.21 -11.00 -29.31
N ALA C 476 14.54 -9.74 -29.64
CA ALA C 476 13.53 -8.77 -30.03
C ALA C 476 12.95 -9.10 -31.40
N ASP C 477 11.71 -9.58 -31.42
CA ASP C 477 10.98 -9.89 -32.63
C ASP C 477 11.75 -10.87 -33.51
N THR C 478 12.24 -11.94 -32.89
CA THR C 478 12.98 -12.98 -33.59
C THR C 478 12.51 -14.38 -33.25
N LYS C 479 11.87 -14.59 -32.10
CA LYS C 479 11.35 -15.91 -31.68
C LYS C 479 12.47 -16.96 -31.68
N ILE C 480 13.65 -16.57 -31.20
CA ILE C 480 14.81 -17.45 -31.14
C ILE C 480 15.29 -17.50 -29.70
N TRP C 481 15.47 -18.72 -29.19
CA TRP C 481 15.96 -18.92 -27.84
C TRP C 481 17.48 -19.03 -27.84
N ASN C 482 18.13 -18.22 -27.01
CA ASN C 482 19.57 -18.28 -26.82
C ASN C 482 19.88 -19.01 -25.51
N GLY C 483 21.17 -19.16 -25.22
CA GLY C 483 21.58 -19.73 -23.96
C GLY C 483 21.27 -21.21 -23.83
N MET C 484 21.12 -21.65 -22.58
CA MET C 484 20.87 -23.07 -22.31
C MET C 484 19.51 -23.50 -22.81
N VAL C 485 18.50 -22.64 -22.67
CA VAL C 485 17.17 -22.98 -23.18
C VAL C 485 17.22 -23.18 -24.68
N GLY C 486 17.90 -22.30 -25.40
CA GLY C 486 18.08 -22.50 -26.83
C GLY C 486 18.87 -23.76 -27.13
N GLU C 487 19.86 -24.07 -26.30
CA GLU C 487 20.60 -25.32 -26.46
C GLU C 487 19.70 -26.54 -26.29
N LEU C 488 18.64 -26.43 -25.50
CA LEU C 488 17.72 -27.54 -25.30
C LEU C 488 16.67 -27.64 -26.38
N VAL C 489 16.07 -26.52 -26.79
CA VAL C 489 14.98 -26.57 -27.76
C VAL C 489 15.47 -27.07 -29.11
N TYR C 490 16.64 -26.58 -29.55
CA TYR C 490 17.15 -26.94 -30.87
C TYR C 490 17.93 -28.25 -30.89
N GLY C 491 17.74 -29.10 -29.89
CA GLY C 491 18.32 -30.43 -29.91
C GLY C 491 19.81 -30.50 -29.65
N LYS C 492 20.44 -29.40 -29.26
CA LYS C 492 21.88 -29.44 -29.01
C LYS C 492 22.21 -30.19 -27.72
N ALA C 493 21.31 -30.17 -26.74
CA ALA C 493 21.55 -30.84 -25.48
C ALA C 493 20.29 -31.61 -25.07
N ASP C 494 20.49 -32.63 -24.23
CA ASP C 494 19.41 -33.49 -23.79
C ASP C 494 18.93 -33.20 -22.37
N ILE C 495 19.72 -32.48 -21.57
CA ILE C 495 19.34 -32.14 -20.21
C ILE C 495 20.22 -30.98 -19.76
N ALA C 496 19.71 -30.20 -18.81
CA ALA C 496 20.40 -29.01 -18.31
C ALA C 496 20.34 -29.00 -16.78
N ILE C 497 21.41 -29.50 -16.15
CA ILE C 497 21.57 -29.39 -14.71
C ILE C 497 22.36 -28.11 -14.45
N ALA C 498 21.66 -27.05 -14.05
CA ALA C 498 22.26 -25.74 -13.88
C ALA C 498 21.29 -24.89 -13.05
N PRO C 499 21.77 -23.78 -12.48
CA PRO C 499 20.85 -22.89 -11.76
C PRO C 499 19.89 -22.16 -12.70
N LEU C 500 18.98 -22.91 -13.30
CA LEU C 500 18.01 -22.37 -14.25
C LEU C 500 16.68 -22.15 -13.53
N THR C 501 16.22 -20.90 -13.52
CA THR C 501 14.99 -20.56 -12.82
C THR C 501 13.78 -21.13 -13.56
N ILE C 502 12.77 -21.51 -12.79
CA ILE C 502 11.53 -22.02 -13.36
C ILE C 502 10.59 -20.84 -13.60
N THR C 503 10.24 -20.63 -14.87
CA THR C 503 9.40 -19.50 -15.27
C THR C 503 8.32 -19.96 -16.23
N LEU C 504 7.25 -19.17 -16.31
CA LEU C 504 6.14 -19.50 -17.19
C LEU C 504 6.57 -19.52 -18.65
N VAL C 505 7.35 -18.53 -19.07
CA VAL C 505 7.75 -18.44 -20.47
C VAL C 505 8.66 -19.59 -20.86
N ARG C 506 9.39 -20.17 -19.91
CA ARG C 506 10.29 -21.27 -20.23
C ARG C 506 9.59 -22.62 -20.19
N GLU C 507 8.54 -22.76 -19.39
CA GLU C 507 7.83 -24.03 -19.31
C GLU C 507 7.03 -24.30 -20.58
N GLU C 508 6.83 -23.29 -21.42
CA GLU C 508 6.14 -23.47 -22.68
C GLU C 508 7.04 -24.06 -23.77
N VAL C 509 8.33 -24.17 -23.52
CA VAL C 509 9.25 -24.74 -24.49
C VAL C 509 10.03 -25.94 -23.96
N ILE C 510 10.23 -26.04 -22.64
CA ILE C 510 10.94 -27.17 -22.03
C ILE C 510 10.22 -27.56 -20.75
N ASP C 511 10.53 -28.77 -20.28
CA ASP C 511 9.94 -29.28 -19.05
C ASP C 511 10.87 -29.03 -17.87
N PHE C 512 10.28 -28.60 -16.75
CA PHE C 512 10.99 -28.37 -15.51
C PHE C 512 10.59 -29.43 -14.50
N SER C 513 11.60 -30.03 -13.85
CA SER C 513 11.34 -30.96 -12.76
C SER C 513 10.93 -30.18 -11.51
N LYS C 514 10.72 -30.90 -10.41
CA LYS C 514 10.45 -30.24 -9.15
C LYS C 514 11.66 -29.41 -8.74
N PRO C 515 11.48 -28.22 -8.17
CA PRO C 515 12.63 -27.40 -7.80
C PRO C 515 13.47 -28.09 -6.73
N PHE C 516 14.79 -27.93 -6.84
CA PHE C 516 15.71 -28.51 -5.89
C PHE C 516 16.37 -27.49 -4.98
N MET C 517 16.10 -26.20 -5.18
CA MET C 517 16.67 -25.16 -4.32
C MET C 517 15.83 -23.90 -4.47
N SER C 518 15.39 -23.34 -3.35
CA SER C 518 14.57 -22.13 -3.38
C SER C 518 15.46 -20.89 -3.36
N LEU C 519 14.90 -19.77 -3.81
CA LEU C 519 15.66 -18.56 -4.01
C LEU C 519 14.70 -17.39 -4.15
N GLY C 520 15.25 -16.20 -4.42
CA GLY C 520 14.46 -15.01 -4.63
C GLY C 520 15.34 -13.85 -5.01
N ILE C 521 14.70 -12.76 -5.45
CA ILE C 521 15.44 -11.55 -5.79
C ILE C 521 16.04 -10.96 -4.52
N SER C 522 17.30 -10.55 -4.61
CA SER C 522 18.00 -9.94 -3.49
C SER C 522 18.76 -8.72 -3.98
N ILE C 523 19.02 -7.80 -3.05
CA ILE C 523 19.70 -6.54 -3.35
C ILE C 523 21.08 -6.59 -2.73
N MET C 524 22.10 -6.30 -3.54
CA MET C 524 23.49 -6.37 -3.11
C MET C 524 24.10 -4.97 -3.13
N ILE C 525 24.79 -4.62 -2.04
CA ILE C 525 25.44 -3.32 -1.92
C ILE C 525 26.85 -3.52 -1.38
N LYS C 526 27.66 -2.48 -1.53
CA LYS C 526 28.95 -2.43 -0.87
C LYS C 526 28.77 -2.24 0.64
N LYS C 527 29.66 -2.85 1.42
CA LYS C 527 29.62 -2.74 2.87
C LYS C 527 29.80 -1.29 3.32
N VAL C 651 24.24 1.32 8.59
CA VAL C 651 23.07 2.19 8.64
C VAL C 651 22.03 1.74 7.62
N SER C 652 22.49 1.14 6.53
CA SER C 652 21.65 0.59 5.46
C SER C 652 20.67 1.65 4.94
N PRO C 653 21.14 2.67 4.22
CA PRO C 653 20.19 3.66 3.68
C PRO C 653 19.25 3.09 2.64
N ILE C 654 19.72 2.14 1.82
CA ILE C 654 18.87 1.55 0.78
C ILE C 654 17.69 0.82 1.39
N GLU C 655 17.95 0.02 2.42
CA GLU C 655 16.93 -0.80 3.13
C GLU C 655 16.05 -1.50 2.11
N SER C 656 14.72 -1.45 2.24
CA SER C 656 13.84 -2.20 1.37
C SER C 656 13.87 -1.67 -0.07
N ALA C 657 13.29 -2.45 -0.97
CA ALA C 657 13.30 -2.09 -2.38
C ALA C 657 12.40 -0.91 -2.71
N GLU C 658 11.41 -0.62 -1.85
CA GLU C 658 10.60 0.57 -2.07
C GLU C 658 11.45 1.84 -1.96
N ASP C 659 12.36 1.88 -0.97
CA ASP C 659 13.31 2.98 -0.89
C ASP C 659 14.29 2.95 -2.07
N LEU C 660 14.57 1.76 -2.61
CA LEU C 660 15.40 1.67 -3.80
C LEU C 660 14.72 2.32 -4.99
N SER C 661 13.40 2.13 -5.13
CA SER C 661 12.68 2.71 -6.26
C SER C 661 12.43 4.20 -6.06
N LYS C 662 12.18 4.62 -4.82
CA LYS C 662 11.87 6.02 -4.56
C LYS C 662 13.09 6.93 -4.71
N GLN C 663 14.30 6.38 -4.67
CA GLN C 663 15.53 7.16 -4.69
C GLN C 663 16.27 6.91 -5.99
N THR C 664 16.52 7.99 -6.74
CA THR C 664 17.33 7.94 -7.95
C THR C 664 18.80 8.25 -7.68
N GLU C 665 19.15 8.60 -6.45
CA GLU C 665 20.55 8.87 -6.11
C GLU C 665 21.40 7.64 -6.34
N ILE C 666 20.91 6.47 -5.93
CA ILE C 666 21.63 5.21 -6.10
C ILE C 666 21.14 4.52 -7.35
N ALA C 667 22.00 3.70 -7.94
CA ALA C 667 21.72 3.02 -9.20
C ALA C 667 21.66 1.51 -8.99
N TYR C 668 20.90 0.83 -9.85
CA TYR C 668 20.74 -0.61 -9.77
C TYR C 668 20.46 -1.17 -11.16
N GLY C 669 20.42 -2.50 -11.24
CA GLY C 669 20.20 -3.16 -12.51
C GLY C 669 20.24 -4.66 -12.33
N THR C 670 19.95 -5.37 -13.43
CA THR C 670 19.88 -6.82 -13.39
C THR C 670 20.88 -7.45 -14.36
N LEU C 671 20.91 -8.78 -14.41
CA LEU C 671 21.71 -9.50 -15.39
C LEU C 671 20.92 -9.63 -16.69
N ASP C 672 21.63 -9.50 -17.82
CA ASP C 672 20.97 -9.59 -19.11
C ASP C 672 20.71 -11.04 -19.51
N SER C 673 19.66 -11.23 -20.31
CA SER C 673 19.28 -12.55 -20.83
C SER C 673 19.11 -13.55 -19.70
N GLY C 674 18.48 -13.12 -18.60
CA GLY C 674 18.27 -13.98 -17.46
C GLY C 674 16.82 -14.14 -17.10
N SER C 675 16.54 -14.32 -15.81
CA SER C 675 15.18 -14.44 -15.32
C SER C 675 14.74 -13.29 -14.43
N THR C 676 15.66 -12.42 -14.02
CA THR C 676 15.29 -11.27 -13.19
C THR C 676 14.88 -10.08 -14.04
N LYS C 677 15.60 -9.81 -15.13
CA LYS C 677 15.20 -8.74 -16.04
C LYS C 677 13.84 -9.04 -16.65
N GLU C 678 13.62 -10.30 -17.03
CA GLU C 678 12.31 -10.69 -17.55
C GLU C 678 11.22 -10.56 -16.48
N PHE C 679 11.57 -10.83 -15.22
CA PHE C 679 10.60 -10.65 -14.15
C PHE C 679 10.23 -9.18 -13.98
N PHE C 680 11.22 -8.29 -14.09
CA PHE C 680 10.95 -6.86 -13.95
C PHE C 680 10.21 -6.31 -15.17
N ARG C 681 10.46 -6.87 -16.34
CA ARG C 681 9.84 -6.35 -17.57
C ARG C 681 8.36 -6.67 -17.63
N ARG C 682 7.98 -7.90 -17.29
CA ARG C 682 6.59 -8.34 -17.39
C ARG C 682 5.81 -8.12 -16.10
N SER C 683 6.39 -7.45 -15.11
CA SER C 683 5.71 -7.24 -13.85
C SER C 683 4.65 -6.16 -13.99
N LYS C 684 3.70 -6.16 -13.04
CA LYS C 684 2.61 -5.20 -13.02
C LYS C 684 2.53 -4.38 -11.74
N ILE C 685 3.20 -4.81 -10.66
CA ILE C 685 3.20 -4.02 -9.44
C ILE C 685 3.97 -2.73 -9.65
N ALA C 686 3.44 -1.64 -9.10
CA ALA C 686 3.88 -0.29 -9.49
C ALA C 686 5.37 -0.10 -9.23
N VAL C 687 5.85 -0.56 -8.08
CA VAL C 687 7.27 -0.37 -7.75
C VAL C 687 8.15 -1.11 -8.75
N PHE C 688 7.73 -2.31 -9.16
CA PHE C 688 8.52 -3.06 -10.14
C PHE C 688 8.50 -2.37 -11.50
N ASP C 689 7.36 -1.80 -11.90
CA ASP C 689 7.32 -1.08 -13.16
C ASP C 689 8.21 0.15 -13.14
N LYS C 690 8.22 0.91 -12.03
CA LYS C 690 9.06 2.09 -12.00
C LYS C 690 10.54 1.73 -11.96
N MET C 691 10.91 0.67 -11.22
CA MET C 691 12.29 0.20 -11.29
C MET C 691 12.66 -0.24 -12.70
N TRP C 692 11.77 -0.97 -13.37
CA TRP C 692 12.08 -1.43 -14.72
C TRP C 692 12.25 -0.25 -15.68
N THR C 693 11.39 0.76 -15.57
CA THR C 693 11.50 1.93 -16.44
C THR C 693 12.79 2.69 -16.15
N TYR C 694 13.20 2.76 -14.88
CA TYR C 694 14.46 3.41 -14.56
C TYR C 694 15.64 2.66 -15.16
N MET C 695 15.63 1.33 -15.04
CA MET C 695 16.78 0.55 -15.51
C MET C 695 16.86 0.52 -17.03
N ARG C 696 15.73 0.39 -17.73
CA ARG C 696 15.79 0.33 -19.18
C ARG C 696 16.20 1.68 -19.77
N SER C 697 15.66 2.77 -19.23
CA SER C 697 16.03 4.12 -19.67
C SER C 697 17.03 4.73 -18.69
N ALA C 698 18.26 4.19 -18.74
CA ALA C 698 19.34 4.63 -17.88
C ALA C 698 20.62 4.77 -18.68
N GLU C 699 21.45 5.75 -18.29
CA GLU C 699 22.72 6.02 -18.95
C GLU C 699 23.84 5.96 -17.91
N PRO C 700 24.83 5.08 -18.06
CA PRO C 700 25.01 4.11 -19.14
C PRO C 700 24.18 2.85 -18.93
N SER C 701 24.53 1.76 -19.61
CA SER C 701 23.77 0.51 -19.49
C SER C 701 23.98 -0.08 -18.10
N VAL C 702 22.92 -0.10 -17.30
CA VAL C 702 23.02 -0.66 -15.95
C VAL C 702 23.16 -2.18 -15.96
N PHE C 703 22.69 -2.85 -17.01
CA PHE C 703 22.81 -4.29 -17.09
C PHE C 703 24.27 -4.71 -17.29
N VAL C 704 24.57 -5.94 -16.91
CA VAL C 704 25.91 -6.49 -17.01
C VAL C 704 25.86 -7.80 -17.79
N ARG C 705 26.99 -8.16 -18.38
CA ARG C 705 27.05 -9.38 -19.18
C ARG C 705 27.07 -10.63 -18.31
N THR C 706 27.83 -10.61 -17.23
CA THR C 706 27.99 -11.76 -16.36
C THR C 706 27.82 -11.30 -14.90
N THR C 707 27.21 -12.17 -14.08
CA THR C 707 27.00 -11.82 -12.68
C THR C 707 28.31 -11.54 -11.97
N ALA C 708 29.40 -12.19 -12.38
CA ALA C 708 30.71 -11.86 -11.85
C ALA C 708 31.10 -10.42 -12.20
N GLU C 709 30.81 -10.00 -13.42
CA GLU C 709 31.07 -8.61 -13.81
C GLU C 709 30.21 -7.65 -13.00
N GLY C 710 28.96 -8.03 -12.71
CA GLY C 710 28.13 -7.20 -11.87
C GLY C 710 28.66 -7.07 -10.45
N VAL C 711 29.14 -8.18 -9.88
CA VAL C 711 29.74 -8.13 -8.56
C VAL C 711 30.99 -7.25 -8.56
N ALA C 712 31.81 -7.38 -9.60
CA ALA C 712 33.00 -6.53 -9.70
C ALA C 712 32.62 -5.07 -9.82
N ARG C 713 31.56 -4.76 -10.58
CA ARG C 713 31.09 -3.39 -10.70
C ARG C 713 30.62 -2.85 -9.37
N VAL C 714 29.89 -3.66 -8.60
CA VAL C 714 29.45 -3.23 -7.28
C VAL C 714 30.64 -2.96 -6.37
N ARG C 715 31.63 -3.85 -6.41
CA ARG C 715 32.80 -3.68 -5.55
C ARG C 715 33.63 -2.48 -5.96
N LYS C 716 33.63 -2.14 -7.25
CA LYS C 716 34.43 -1.03 -7.76
C LYS C 716 33.63 0.25 -7.94
N SER C 717 32.39 0.30 -7.47
CA SER C 717 31.58 1.51 -7.59
C SER C 717 31.57 2.35 -6.33
N LYS C 718 32.33 1.96 -5.30
CA LYS C 718 32.41 2.69 -4.04
C LYS C 718 31.02 2.94 -3.46
N GLY C 719 30.18 1.91 -3.53
CA GLY C 719 28.84 2.01 -2.99
C GLY C 719 27.85 2.80 -3.82
N LYS C 720 28.19 3.10 -5.08
CA LYS C 720 27.35 3.89 -5.95
C LYS C 720 26.46 3.04 -6.86
N TYR C 721 26.54 1.71 -6.75
CA TYR C 721 25.80 0.83 -7.64
C TYR C 721 25.31 -0.39 -6.87
N ALA C 722 24.04 -0.72 -7.04
CA ALA C 722 23.43 -1.89 -6.42
C ALA C 722 23.16 -2.95 -7.48
N TYR C 723 23.18 -4.20 -7.08
CA TYR C 723 23.00 -5.34 -7.98
C TYR C 723 21.78 -6.14 -7.56
N LEU C 724 20.97 -6.53 -8.53
CA LEU C 724 19.82 -7.40 -8.30
C LEU C 724 20.16 -8.79 -8.83
N LEU C 725 20.11 -9.78 -7.94
CA LEU C 725 20.51 -11.13 -8.31
C LEU C 725 19.83 -12.12 -7.37
N GLU C 726 20.09 -13.40 -7.60
CA GLU C 726 19.46 -14.46 -6.82
C GLU C 726 19.97 -14.45 -5.39
N SER C 727 19.11 -14.89 -4.47
CA SER C 727 19.47 -14.89 -3.06
C SER C 727 20.63 -15.83 -2.77
N THR C 728 20.64 -17.00 -3.41
CA THR C 728 21.73 -17.96 -3.20
C THR C 728 23.06 -17.38 -3.68
N MET C 729 23.06 -16.73 -4.84
CA MET C 729 24.30 -16.13 -5.34
C MET C 729 24.77 -15.02 -4.43
N ASN C 730 23.85 -14.20 -3.93
CA ASN C 730 24.21 -13.12 -3.02
C ASN C 730 24.81 -13.68 -1.73
N GLU C 731 24.20 -14.73 -1.18
CA GLU C 731 24.73 -15.32 0.05
C GLU C 731 26.11 -15.91 -0.18
N TYR C 732 26.31 -16.61 -1.31
CA TYR C 732 27.62 -17.19 -1.59
C TYR C 732 28.67 -16.11 -1.75
N ILE C 733 28.33 -15.00 -2.42
CA ILE C 733 29.28 -13.91 -2.60
C ILE C 733 29.59 -13.24 -1.28
N GLU C 734 28.57 -13.04 -0.43
CA GLU C 734 28.78 -12.35 0.83
C GLU C 734 29.51 -13.21 1.86
N GLN C 735 29.51 -14.53 1.69
CA GLN C 735 30.23 -15.41 2.60
C GLN C 735 31.62 -15.77 2.13
N ARG C 736 32.11 -15.14 1.06
CA ARG C 736 33.42 -15.42 0.50
C ARG C 736 34.28 -14.16 0.51
N LYS C 737 35.60 -14.36 0.63
CA LYS C 737 36.52 -13.24 0.64
C LYS C 737 36.47 -12.51 -0.71
N PRO C 738 36.64 -11.18 -0.72
CA PRO C 738 37.00 -10.29 0.39
C PRO C 738 35.79 -9.87 1.22
N CYS C 739 34.61 -10.40 0.90
CA CYS C 739 33.36 -10.14 1.61
C CYS C 739 33.20 -8.66 1.96
N ASP C 740 33.33 -7.81 0.93
CA ASP C 740 33.03 -6.40 1.05
C ASP C 740 31.63 -6.05 0.57
N THR C 741 30.85 -7.04 0.16
CA THR C 741 29.46 -6.87 -0.23
C THR C 741 28.56 -7.54 0.80
N MET C 742 27.29 -7.14 0.79
CA MET C 742 26.33 -7.67 1.75
C MET C 742 24.93 -7.61 1.17
N LYS C 743 24.04 -8.42 1.74
CA LYS C 743 22.65 -8.46 1.35
C LYS C 743 21.82 -7.59 2.28
N VAL C 744 20.88 -6.85 1.71
CA VAL C 744 20.06 -5.91 2.46
C VAL C 744 18.59 -6.18 2.18
N GLY C 745 17.80 -6.20 3.24
CA GLY C 745 16.37 -6.38 3.11
C GLY C 745 15.98 -7.85 2.96
N GLY C 746 14.77 -8.05 2.45
CA GLY C 746 14.25 -9.38 2.23
C GLY C 746 14.03 -9.65 0.76
N ASN C 747 13.84 -10.93 0.46
CA ASN C 747 13.61 -11.35 -0.92
C ASN C 747 12.33 -10.73 -1.47
N LEU C 748 12.39 -10.24 -2.70
CA LEU C 748 11.24 -9.57 -3.29
C LEU C 748 10.16 -10.57 -3.68
N ASP C 749 10.58 -11.80 -4.02
CA ASP C 749 9.65 -12.89 -4.30
C ASP C 749 10.41 -14.20 -4.08
N SER C 750 9.82 -15.31 -4.52
CA SER C 750 10.41 -16.62 -4.29
C SER C 750 10.26 -17.48 -5.54
N LYS C 751 11.39 -17.96 -6.06
CA LYS C 751 11.40 -18.88 -7.18
C LYS C 751 12.22 -20.12 -6.85
N GLY C 752 12.52 -20.94 -7.85
CA GLY C 752 13.29 -22.15 -7.63
C GLY C 752 14.04 -22.56 -8.88
N TYR C 753 15.10 -23.33 -8.67
CA TYR C 753 15.92 -23.86 -9.76
C TYR C 753 15.41 -25.23 -10.14
N GLY C 754 15.26 -25.47 -11.45
CA GLY C 754 14.80 -26.76 -11.93
C GLY C 754 15.72 -27.36 -12.96
N ILE C 755 15.78 -28.69 -13.00
CA ILE C 755 16.57 -29.41 -13.98
C ILE C 755 15.75 -29.47 -15.27
N ALA C 756 16.18 -28.73 -16.28
CA ALA C 756 15.43 -28.60 -17.52
C ALA C 756 15.65 -29.79 -18.43
N THR C 757 14.68 -30.04 -19.30
CA THR C 757 14.68 -31.17 -20.22
C THR C 757 13.86 -30.77 -21.43
N PRO C 758 14.28 -31.16 -22.64
CA PRO C 758 13.51 -30.80 -23.84
C PRO C 758 12.09 -31.35 -23.77
N LYS C 759 11.17 -30.60 -24.36
CA LYS C 759 9.76 -30.93 -24.30
C LYS C 759 9.49 -32.31 -24.91
N GLY C 760 8.71 -33.12 -24.21
CA GLY C 760 8.36 -34.44 -24.68
C GLY C 760 9.48 -35.46 -24.63
N SER C 761 10.46 -35.25 -23.77
CA SER C 761 11.59 -36.17 -23.63
C SER C 761 11.26 -37.25 -22.62
N SER C 762 11.89 -38.42 -22.80
CA SER C 762 11.65 -39.57 -21.93
C SER C 762 12.34 -39.45 -20.59
N LEU C 763 13.19 -38.44 -20.38
CA LEU C 763 13.94 -38.31 -19.15
C LEU C 763 13.23 -37.46 -18.09
N GLY C 764 12.07 -36.87 -18.41
CA GLY C 764 11.43 -35.98 -17.46
C GLY C 764 11.00 -36.68 -16.19
N THR C 765 10.24 -37.77 -16.32
CA THR C 765 9.79 -38.51 -15.15
C THR C 765 10.95 -39.10 -14.34
N PRO C 766 11.96 -39.75 -14.94
CA PRO C 766 13.07 -40.26 -14.12
C PRO C 766 13.80 -39.17 -13.35
N VAL C 767 14.10 -38.04 -13.98
CA VAL C 767 14.80 -36.99 -13.25
C VAL C 767 13.91 -36.36 -12.20
N ASN C 768 12.60 -36.26 -12.46
CA ASN C 768 11.69 -35.74 -11.44
C ASN C 768 11.69 -36.64 -10.20
N LEU C 769 11.58 -37.96 -10.43
CA LEU C 769 11.61 -38.89 -9.30
C LEU C 769 12.96 -38.87 -8.59
N ALA C 770 14.05 -38.74 -9.35
CA ALA C 770 15.38 -38.69 -8.74
C ALA C 770 15.53 -37.45 -7.86
N VAL C 771 15.07 -36.30 -8.34
CA VAL C 771 15.14 -35.07 -7.54
C VAL C 771 14.29 -35.22 -6.28
N LEU C 772 13.09 -35.80 -6.42
CA LEU C 772 12.25 -36.00 -5.23
C LEU C 772 12.92 -36.90 -4.21
N LYS C 773 13.51 -38.01 -4.68
CA LYS C 773 14.17 -38.93 -3.77
C LYS C 773 15.39 -38.28 -3.11
N LEU C 774 16.16 -37.51 -3.87
CA LEU C 774 17.33 -36.85 -3.32
C LEU C 774 16.92 -35.80 -2.29
N SER C 775 15.82 -35.10 -2.54
CA SER C 775 15.34 -34.12 -1.57
C SER C 775 14.85 -34.79 -0.29
N GLU C 776 14.14 -35.93 -0.43
CA GLU C 776 13.65 -36.62 0.75
C GLU C 776 14.78 -37.27 1.54
N GLN C 777 15.88 -37.65 0.88
CA GLN C 777 17.00 -38.25 1.59
C GLN C 777 18.04 -37.23 2.07
N GLY C 778 17.79 -35.94 1.88
CA GLY C 778 18.66 -34.92 2.41
C GLY C 778 19.95 -34.72 1.65
N VAL C 779 20.08 -35.29 0.45
CA VAL C 779 21.30 -35.10 -0.33
C VAL C 779 21.43 -33.65 -0.77
N LEU C 780 20.31 -33.02 -1.15
CA LEU C 780 20.35 -31.62 -1.56
C LEU C 780 20.76 -30.72 -0.40
N ASP C 781 20.25 -31.00 0.80
CA ASP C 781 20.65 -30.23 1.97
C ASP C 781 22.14 -30.37 2.24
N LYS C 782 22.66 -31.60 2.15
CA LYS C 782 24.08 -31.83 2.37
C LYS C 782 24.93 -31.09 1.33
N LEU C 783 24.51 -31.12 0.07
CA LEU C 783 25.26 -30.43 -0.97
C LEU C 783 25.25 -28.92 -0.77
N LYS C 784 24.10 -28.36 -0.40
CA LYS C 784 24.04 -26.93 -0.12
C LYS C 784 24.90 -26.57 1.07
N ASN C 785 24.90 -27.41 2.12
CA ASN C 785 25.75 -27.15 3.26
C ASN C 785 27.23 -27.21 2.88
N LYS C 786 27.59 -28.16 2.02
CA LYS C 786 28.98 -28.29 1.61
C LYS C 786 29.45 -27.09 0.78
N TRP C 787 28.61 -26.64 -0.16
CA TRP C 787 29.05 -25.60 -1.08
C TRP C 787 28.68 -24.18 -0.63
N TRP C 788 27.97 -24.03 0.48
CA TRP C 788 27.60 -22.71 0.97
C TRP C 788 28.05 -22.44 2.40
N TYR C 789 27.93 -23.42 3.29
CA TYR C 789 28.18 -23.20 4.71
C TYR C 789 29.32 -24.05 5.25
N ASP C 790 30.23 -24.52 4.39
CA ASP C 790 31.34 -25.34 4.84
C ASP C 790 32.69 -24.64 4.68
N LYS C 791 32.90 -23.91 3.59
CA LYS C 791 34.15 -23.19 3.41
C LYS C 791 34.15 -21.88 4.18
N GLY C 792 33.27 -20.95 3.80
CA GLY C 792 33.12 -19.68 4.48
C GLY C 792 34.42 -18.92 4.70
N GLU C 793 35.04 -18.46 3.61
CA GLU C 793 36.34 -17.79 3.70
C GLU C 793 36.20 -16.32 4.08
N CYS C 794 35.46 -16.05 5.16
CA CYS C 794 35.30 -14.70 5.68
C CYS C 794 34.77 -14.79 7.10
N GLY C 795 35.06 -13.76 7.89
CA GLY C 795 34.59 -13.71 9.25
C GLY C 795 33.09 -13.53 9.33
N ALA C 796 32.38 -14.57 9.74
CA ALA C 796 30.93 -14.53 9.83
C ALA C 796 30.41 -15.59 10.79
N LYS D 414 -16.00 19.18 -30.60
CA LYS D 414 -15.15 20.37 -30.63
C LYS D 414 -14.05 20.26 -29.59
N THR D 415 -12.82 20.57 -30.00
CA THR D 415 -11.66 20.49 -29.13
C THR D 415 -11.52 21.80 -28.35
N VAL D 416 -11.71 21.74 -27.04
CA VAL D 416 -11.56 22.90 -26.18
C VAL D 416 -10.11 22.98 -25.70
N VAL D 417 -9.69 24.18 -25.34
CA VAL D 417 -8.33 24.44 -24.91
C VAL D 417 -8.30 24.54 -23.38
N VAL D 418 -7.18 24.17 -22.80
CA VAL D 418 -6.99 24.20 -21.35
C VAL D 418 -5.82 25.13 -21.08
N THR D 419 -6.13 26.37 -20.70
CA THR D 419 -5.07 27.32 -20.36
C THR D 419 -4.49 26.97 -18.99
N THR D 420 -3.18 27.10 -18.87
CA THR D 420 -2.51 26.68 -17.64
C THR D 420 -1.21 27.47 -17.51
N ILE D 421 -0.68 27.50 -16.28
CA ILE D 421 0.55 28.20 -15.96
C ILE D 421 1.67 27.17 -15.83
N LEU D 422 2.90 27.63 -16.05
CA LEU D 422 4.08 26.77 -15.95
C LEU D 422 4.62 26.87 -14.52
N GLU D 423 4.08 26.04 -13.63
CA GLU D 423 4.50 26.02 -12.23
C GLU D 423 4.68 24.58 -11.77
N SER D 424 5.63 24.38 -10.87
CA SER D 424 5.91 23.04 -10.37
C SER D 424 5.34 22.87 -8.97
N PRO D 425 4.88 21.66 -8.63
CA PRO D 425 4.79 20.45 -9.45
C PRO D 425 3.49 20.38 -10.24
N TYR D 426 2.91 21.53 -10.58
CA TYR D 426 1.62 21.53 -11.29
C TYR D 426 1.80 21.16 -12.76
N VAL D 427 2.53 21.99 -13.52
CA VAL D 427 2.84 21.72 -14.91
C VAL D 427 4.30 22.10 -15.17
N MET D 428 5.05 21.20 -15.79
CA MET D 428 6.41 21.49 -16.21
C MET D 428 6.78 20.59 -17.37
N MET D 429 7.68 21.07 -18.22
CA MET D 429 8.10 20.31 -19.38
C MET D 429 8.82 19.04 -18.96
N LYS D 430 8.56 17.95 -19.68
CA LYS D 430 9.18 16.67 -19.39
C LYS D 430 10.68 16.72 -19.70
N LYS D 431 11.38 15.70 -19.21
CA LYS D 431 12.83 15.64 -19.42
C LYS D 431 13.17 15.55 -20.90
N ASN D 432 12.43 14.74 -21.66
CA ASN D 432 12.65 14.57 -23.09
C ASN D 432 11.64 15.34 -23.93
N HIS D 433 11.18 16.50 -23.45
CA HIS D 433 10.07 17.23 -24.08
C HIS D 433 10.43 17.82 -25.45
N GLU D 434 11.60 17.53 -26.02
CA GLU D 434 11.97 18.14 -27.28
C GLU D 434 11.19 17.56 -28.46
N MET D 435 10.97 16.24 -28.46
CA MET D 435 10.43 15.60 -29.66
C MET D 435 8.94 15.27 -29.57
N LEU D 436 8.35 15.23 -28.37
CA LEU D 436 6.92 14.95 -28.30
C LEU D 436 6.12 16.22 -28.59
N GLU D 437 4.80 16.04 -28.67
CA GLU D 437 3.91 17.14 -28.98
C GLU D 437 2.57 16.90 -28.30
N GLY D 438 1.77 17.97 -28.22
CA GLY D 438 0.48 17.87 -27.55
C GLY D 438 0.63 17.80 -26.04
N ASN D 439 -0.34 17.13 -25.41
CA ASN D 439 -0.36 17.04 -23.95
C ASN D 439 0.78 16.19 -23.40
N GLU D 440 1.44 15.40 -24.24
CA GLU D 440 2.53 14.55 -23.77
C GLU D 440 3.77 15.35 -23.39
N ARG D 441 3.86 16.61 -23.81
CA ARG D 441 5.02 17.42 -23.46
C ARG D 441 5.06 17.77 -21.97
N TYR D 442 3.90 17.93 -21.34
CA TYR D 442 3.81 18.43 -19.99
C TYR D 442 3.48 17.30 -19.01
N GLU D 443 3.95 17.48 -17.77
CA GLU D 443 3.67 16.55 -16.69
C GLU D 443 3.48 17.33 -15.40
N GLY D 444 2.80 16.71 -14.44
CA GLY D 444 2.57 17.33 -13.16
C GLY D 444 1.21 16.96 -12.61
N TYR D 445 0.71 17.83 -11.73
CA TYR D 445 -0.56 17.60 -11.05
C TYR D 445 -1.74 18.08 -11.91
N CYS D 446 -1.59 19.21 -12.57
CA CYS D 446 -2.71 19.75 -13.35
C CYS D 446 -2.97 18.92 -14.60
N VAL D 447 -1.93 18.34 -15.20
CA VAL D 447 -2.12 17.59 -16.44
C VAL D 447 -2.96 16.34 -16.19
N ASP D 448 -2.61 15.56 -15.16
CA ASP D 448 -3.41 14.38 -14.89
C ASP D 448 -4.70 14.71 -14.14
N LEU D 449 -4.78 15.88 -13.49
CA LEU D 449 -6.07 16.36 -13.01
C LEU D 449 -7.04 16.59 -14.17
N ALA D 450 -6.56 17.25 -15.22
CA ALA D 450 -7.38 17.45 -16.41
C ALA D 450 -7.66 16.13 -17.11
N ALA D 451 -6.71 15.20 -17.08
CA ALA D 451 -6.96 13.87 -17.63
C ALA D 451 -8.09 13.17 -16.90
N GLU D 452 -8.10 13.24 -15.57
CA GLU D 452 -9.19 12.66 -14.79
C GLU D 452 -10.51 13.37 -15.07
N ILE D 453 -10.47 14.69 -15.23
CA ILE D 453 -11.68 15.45 -15.54
C ILE D 453 -12.26 14.97 -16.88
N ALA D 454 -11.40 14.78 -17.88
CA ALA D 454 -11.86 14.31 -19.18
C ALA D 454 -12.34 12.87 -19.11
N LYS D 455 -11.69 12.04 -18.30
CA LYS D 455 -12.12 10.66 -18.15
C LYS D 455 -13.52 10.59 -17.53
N HIS D 456 -13.78 11.41 -16.52
CA HIS D 456 -15.10 11.42 -15.90
C HIS D 456 -16.17 11.90 -16.89
N CYS D 457 -16.07 13.15 -17.32
CA CYS D 457 -16.95 13.70 -18.34
C CYS D 457 -16.21 13.76 -19.67
N GLY D 458 -16.72 13.02 -20.66
CA GLY D 458 -16.02 12.85 -21.91
C GLY D 458 -15.91 14.09 -22.77
N PHE D 459 -14.69 14.61 -22.90
CA PHE D 459 -14.43 15.72 -23.81
C PHE D 459 -12.93 15.77 -24.10
N LYS D 460 -12.60 16.11 -25.33
CA LYS D 460 -11.22 16.17 -25.79
C LYS D 460 -10.66 17.57 -25.49
N TYR D 461 -9.42 17.62 -25.01
CA TYR D 461 -8.80 18.85 -24.57
C TYR D 461 -7.39 18.96 -25.12
N LYS D 462 -6.92 20.20 -25.27
CA LYS D 462 -5.56 20.49 -25.70
C LYS D 462 -4.96 21.51 -24.74
N LEU D 463 -3.78 21.21 -24.22
CA LEU D 463 -3.15 22.08 -23.23
C LEU D 463 -2.58 23.33 -23.89
N THR D 464 -2.75 24.46 -23.21
CA THR D 464 -2.20 25.72 -23.65
C THR D 464 -1.58 26.43 -22.45
N ILE D 465 -0.60 27.29 -22.72
CA ILE D 465 0.11 28.04 -21.70
C ILE D 465 -0.04 29.52 -22.01
N VAL D 466 -0.37 30.32 -20.98
CA VAL D 466 -0.51 31.75 -21.17
C VAL D 466 0.84 32.35 -21.52
N GLY D 467 0.85 33.22 -22.53
CA GLY D 467 2.11 33.80 -22.99
C GLY D 467 2.75 34.69 -21.94
N ASP D 468 1.95 35.54 -21.30
CA ASP D 468 2.50 36.46 -20.31
C ASP D 468 2.90 35.77 -19.02
N GLY D 469 2.39 34.55 -18.79
CA GLY D 469 2.74 33.82 -17.58
C GLY D 469 2.25 34.47 -16.30
N LYS D 470 1.03 35.02 -16.32
CA LYS D 470 0.44 35.66 -15.16
C LYS D 470 -0.82 34.91 -14.74
N TYR D 471 -1.03 34.81 -13.43
CA TYR D 471 -2.19 34.10 -12.92
C TYR D 471 -3.48 34.88 -13.20
N GLY D 472 -3.46 36.20 -13.02
CA GLY D 472 -4.61 37.02 -13.33
C GLY D 472 -4.85 38.15 -12.35
N ALA D 473 -5.06 39.35 -12.89
CA ALA D 473 -5.33 40.53 -12.07
C ALA D 473 -5.88 41.62 -12.98
N ARG D 474 -6.79 42.43 -12.44
CA ARG D 474 -7.34 43.53 -13.20
C ARG D 474 -6.42 44.75 -13.09
N ASP D 475 -6.04 45.30 -14.23
CA ASP D 475 -5.13 46.44 -14.25
C ASP D 475 -5.85 47.70 -13.80
N ALA D 476 -5.09 48.63 -13.23
CA ALA D 476 -5.66 49.83 -12.66
C ALA D 476 -5.85 50.91 -13.73
N ASP D 477 -7.01 51.57 -13.70
CA ASP D 477 -7.34 52.71 -14.54
C ASP D 477 -7.55 52.32 -16.00
N THR D 478 -7.33 51.05 -16.32
CA THR D 478 -7.59 50.53 -17.66
C THR D 478 -8.69 49.48 -17.69
N LYS D 479 -9.01 48.86 -16.55
CA LYS D 479 -10.09 47.88 -16.44
C LYS D 479 -9.94 46.76 -17.46
N ILE D 480 -8.72 46.24 -17.58
CA ILE D 480 -8.42 45.13 -18.48
C ILE D 480 -7.82 44.01 -17.66
N TRP D 481 -8.53 42.89 -17.59
CA TRP D 481 -8.01 41.72 -16.90
C TRP D 481 -6.88 41.09 -17.70
N ASN D 482 -5.78 40.75 -17.03
CA ASN D 482 -4.63 40.15 -17.67
C ASN D 482 -4.45 38.71 -17.18
N GLY D 483 -3.44 38.05 -17.72
CA GLY D 483 -3.11 36.70 -17.28
C GLY D 483 -4.17 35.68 -17.66
N MET D 484 -4.17 34.59 -16.90
CA MET D 484 -5.06 33.46 -17.17
C MET D 484 -6.53 33.88 -17.10
N VAL D 485 -6.91 34.55 -16.01
CA VAL D 485 -8.28 35.01 -15.86
C VAL D 485 -8.64 35.98 -16.97
N GLY D 486 -7.71 36.88 -17.31
CA GLY D 486 -7.95 37.86 -18.35
C GLY D 486 -8.25 37.22 -19.69
N GLU D 487 -7.42 36.26 -20.11
CA GLU D 487 -7.70 35.61 -21.38
C GLU D 487 -8.85 34.62 -21.30
N LEU D 488 -9.26 34.21 -20.10
CA LEU D 488 -10.44 33.38 -19.96
C LEU D 488 -11.73 34.19 -20.12
N VAL D 489 -11.73 35.42 -19.61
CA VAL D 489 -12.94 36.25 -19.68
C VAL D 489 -13.30 36.58 -21.12
N TYR D 490 -12.32 36.99 -21.92
CA TYR D 490 -12.61 37.47 -23.27
C TYR D 490 -12.84 36.35 -24.28
N GLY D 491 -12.65 35.09 -23.90
CA GLY D 491 -13.04 33.97 -24.74
C GLY D 491 -11.92 33.23 -25.43
N LYS D 492 -10.66 33.61 -25.22
CA LYS D 492 -9.55 32.88 -25.81
C LYS D 492 -9.22 31.59 -25.08
N ALA D 493 -10.06 31.18 -24.13
CA ALA D 493 -9.93 29.89 -23.47
C ALA D 493 -11.30 29.46 -22.96
N ASP D 494 -11.43 28.17 -22.67
CA ASP D 494 -12.70 27.59 -22.24
C ASP D 494 -12.67 27.04 -20.82
N ILE D 495 -11.49 26.66 -20.31
CA ILE D 495 -11.37 26.12 -18.97
C ILE D 495 -9.92 26.26 -18.55
N ALA D 496 -9.69 26.32 -17.23
CA ALA D 496 -8.36 26.54 -16.67
C ALA D 496 -8.14 25.57 -15.52
N ILE D 497 -7.55 24.42 -15.82
CA ILE D 497 -7.15 23.45 -14.78
C ILE D 497 -5.75 23.87 -14.35
N ALA D 498 -5.68 24.70 -13.33
CA ALA D 498 -4.43 25.29 -12.90
C ALA D 498 -4.57 25.75 -11.46
N PRO D 499 -3.46 25.96 -10.74
CA PRO D 499 -3.57 26.45 -9.35
C PRO D 499 -4.04 27.89 -9.29
N LEU D 500 -5.30 28.13 -9.65
CA LEU D 500 -5.90 29.45 -9.63
C LEU D 500 -6.64 29.63 -8.31
N THR D 501 -6.29 30.69 -7.58
CA THR D 501 -6.88 30.93 -6.27
C THR D 501 -8.26 31.55 -6.41
N ILE D 502 -9.20 31.04 -5.62
CA ILE D 502 -10.57 31.57 -5.61
C ILE D 502 -10.60 32.85 -4.79
N THR D 503 -11.01 33.94 -5.43
CA THR D 503 -11.13 35.23 -4.77
C THR D 503 -12.44 35.88 -5.17
N LEU D 504 -12.83 36.91 -4.41
CA LEU D 504 -14.08 37.62 -4.72
C LEU D 504 -13.96 38.43 -5.99
N VAL D 505 -12.79 39.03 -6.24
CA VAL D 505 -12.61 39.82 -7.45
C VAL D 505 -12.63 38.92 -8.68
N ARG D 506 -12.07 37.72 -8.57
CA ARG D 506 -12.08 36.79 -9.69
C ARG D 506 -13.45 36.16 -9.89
N GLU D 507 -14.17 35.86 -8.81
CA GLU D 507 -15.49 35.25 -8.91
C GLU D 507 -16.50 36.17 -9.58
N GLU D 508 -16.29 37.49 -9.51
CA GLU D 508 -17.22 38.43 -10.11
C GLU D 508 -17.22 38.40 -11.64
N VAL D 509 -16.21 37.79 -12.25
CA VAL D 509 -16.12 37.75 -13.71
C VAL D 509 -16.12 36.34 -14.27
N ILE D 510 -15.68 35.33 -13.51
CA ILE D 510 -15.65 33.95 -13.98
C ILE D 510 -16.34 33.07 -12.94
N ASP D 511 -16.59 31.82 -13.34
CA ASP D 511 -17.22 30.84 -12.46
C ASP D 511 -16.17 29.86 -11.96
N PHE D 512 -16.05 29.75 -10.65
CA PHE D 512 -15.15 28.80 -10.02
C PHE D 512 -15.91 27.54 -9.61
N SER D 513 -15.16 26.47 -9.39
CA SER D 513 -15.72 25.23 -8.89
C SER D 513 -15.31 25.04 -7.44
N LYS D 514 -15.74 23.92 -6.86
CA LYS D 514 -15.33 23.61 -5.49
C LYS D 514 -13.81 23.41 -5.45
N PRO D 515 -13.15 23.87 -4.41
CA PRO D 515 -11.68 23.76 -4.36
C PRO D 515 -11.24 22.31 -4.35
N PHE D 516 -10.32 21.96 -5.25
CA PHE D 516 -9.80 20.61 -5.31
C PHE D 516 -8.62 20.39 -4.35
N MET D 517 -8.06 21.46 -3.78
CA MET D 517 -7.06 21.31 -2.73
C MET D 517 -6.92 22.63 -1.99
N SER D 518 -6.80 22.55 -0.67
CA SER D 518 -6.69 23.72 0.18
C SER D 518 -5.24 24.22 0.22
N LEU D 519 -5.08 25.43 0.71
CA LEU D 519 -3.79 26.10 0.70
C LEU D 519 -3.83 27.27 1.66
N GLY D 520 -2.66 27.85 1.93
CA GLY D 520 -2.57 29.06 2.72
C GLY D 520 -1.36 29.87 2.30
N ILE D 521 -1.33 31.11 2.75
CA ILE D 521 -0.19 31.99 2.48
C ILE D 521 0.84 31.77 3.58
N SER D 522 2.07 31.44 3.19
CA SER D 522 3.13 31.12 4.12
C SER D 522 4.33 32.02 3.88
N ILE D 523 5.36 31.86 4.71
CA ILE D 523 6.57 32.65 4.67
C ILE D 523 7.75 31.71 4.40
N MET D 524 8.56 32.05 3.40
CA MET D 524 9.71 31.25 3.03
C MET D 524 10.99 32.04 3.29
N ILE D 525 11.89 31.47 4.09
CA ILE D 525 13.17 32.09 4.40
C ILE D 525 14.27 31.06 4.20
N LYS D 526 15.50 31.55 4.07
CA LYS D 526 16.65 30.66 3.95
C LYS D 526 16.86 29.90 5.25
N LYS D 527 17.16 28.61 5.12
CA LYS D 527 17.36 27.77 6.30
C LYS D 527 18.68 28.13 6.97
N PRO D 528 18.67 28.53 8.24
CA PRO D 528 19.93 28.86 8.91
C PRO D 528 20.71 27.63 9.32
N GLN D 529 21.99 27.85 9.60
CA GLN D 529 22.86 26.77 10.04
C GLN D 529 22.49 26.32 11.45
N LYS D 530 22.85 25.08 11.76
CA LYS D 530 22.55 24.52 13.08
C LYS D 530 23.36 25.21 14.16
N SER D 531 22.72 25.47 15.30
CA SER D 531 23.40 26.10 16.42
C SER D 531 24.25 25.07 17.15
N LYS D 532 25.51 25.42 17.41
CA LYS D 532 26.42 24.50 18.08
C LYS D 532 25.96 24.11 19.48
N PRO D 533 25.58 25.05 20.38
CA PRO D 533 25.16 24.57 21.69
C PRO D 533 23.70 24.12 21.74
N LEU D 645 23.37 18.88 26.07
CA LEU D 645 24.77 19.29 26.09
C LEU D 645 25.30 19.52 24.67
N THR D 646 25.64 18.42 24.00
CA THR D 646 26.13 18.46 22.63
C THR D 646 24.98 18.33 21.62
N VAL D 647 23.98 19.18 21.75
CA VAL D 647 22.79 19.12 20.92
C VAL D 647 22.82 20.26 19.91
N GLU D 648 22.22 20.02 18.74
CA GLU D 648 22.12 21.02 17.69
C GLU D 648 20.68 21.51 17.62
N ARG D 649 20.50 22.83 17.63
CA ARG D 649 19.19 23.45 17.61
C ARG D 649 19.06 24.36 16.40
N MET D 650 17.82 24.48 15.91
CA MET D 650 17.51 25.34 14.77
C MET D 650 16.82 26.61 15.27
N VAL D 651 17.49 27.74 15.12
CA VAL D 651 16.98 29.04 15.56
C VAL D 651 16.83 29.91 14.33
N SER D 652 15.63 30.47 14.13
CA SER D 652 15.34 31.31 12.99
C SER D 652 15.03 32.73 13.44
N PRO D 653 15.44 33.74 12.67
CA PRO D 653 15.17 35.13 13.07
C PRO D 653 13.72 35.53 12.93
N ILE D 654 12.94 34.84 12.11
CA ILE D 654 11.53 35.11 11.92
C ILE D 654 10.74 33.86 12.29
N GLU D 655 9.76 34.02 13.17
CA GLU D 655 8.92 32.92 13.63
C GLU D 655 7.45 33.10 13.32
N SER D 656 7.01 34.31 12.95
CA SER D 656 5.62 34.57 12.61
C SER D 656 5.60 35.66 11.56
N ALA D 657 4.43 36.27 11.36
CA ALA D 657 4.31 37.38 10.43
C ALA D 657 4.42 38.74 11.12
N GLU D 658 3.95 38.85 12.37
CA GLU D 658 4.00 40.12 13.07
C GLU D 658 5.44 40.58 13.29
N ASP D 659 6.31 39.66 13.72
CA ASP D 659 7.72 40.03 13.91
C ASP D 659 8.40 40.32 12.58
N LEU D 660 7.99 39.64 11.51
CA LEU D 660 8.53 39.97 10.19
C LEU D 660 8.15 41.38 9.78
N SER D 661 6.91 41.78 10.05
CA SER D 661 6.50 43.15 9.75
C SER D 661 7.25 44.15 10.62
N LYS D 662 7.47 43.81 11.89
CA LYS D 662 8.11 44.74 12.81
C LYS D 662 9.57 45.01 12.42
N GLN D 663 10.30 43.97 12.04
CA GLN D 663 11.72 44.13 11.76
C GLN D 663 11.93 44.86 10.42
N THR D 664 13.19 45.20 10.15
CA THR D 664 13.53 45.96 8.95
C THR D 664 14.67 45.30 8.19
N GLU D 665 15.58 44.63 8.91
CA GLU D 665 16.78 44.08 8.28
C GLU D 665 16.46 43.03 7.22
N ILE D 666 15.37 42.28 7.38
CA ILE D 666 14.97 41.26 6.41
C ILE D 666 13.86 41.84 5.56
N ALA D 667 14.06 41.85 4.25
CA ALA D 667 13.04 42.33 3.32
C ALA D 667 12.15 41.17 2.90
N TYR D 668 10.93 41.51 2.47
CA TYR D 668 9.97 40.51 2.03
C TYR D 668 9.14 41.06 0.90
N GLY D 669 8.76 40.17 -0.03
CA GLY D 669 7.96 40.56 -1.18
C GLY D 669 7.06 39.44 -1.61
N THR D 670 6.20 39.74 -2.57
CA THR D 670 5.22 38.81 -3.10
C THR D 670 5.43 38.64 -4.61
N LEU D 671 4.52 37.93 -5.24
CA LEU D 671 4.56 37.67 -6.68
C LEU D 671 3.65 38.66 -7.41
N ASP D 672 4.18 39.24 -8.49
CA ASP D 672 3.42 40.21 -9.27
C ASP D 672 2.21 39.56 -9.93
N SER D 673 1.10 40.30 -9.95
CA SER D 673 -0.13 39.87 -10.60
C SER D 673 -0.62 38.53 -10.05
N GLY D 674 -0.44 38.34 -8.74
CA GLY D 674 -0.86 37.14 -8.07
C GLY D 674 -1.99 37.40 -7.09
N SER D 675 -2.43 36.31 -6.46
CA SER D 675 -3.50 36.42 -5.46
C SER D 675 -2.98 36.97 -4.14
N THR D 676 -1.72 36.67 -3.79
CA THR D 676 -1.17 37.16 -2.53
C THR D 676 -1.03 38.68 -2.52
N LYS D 677 -0.55 39.26 -3.62
CA LYS D 677 -0.43 40.70 -3.70
C LYS D 677 -1.79 41.39 -3.60
N GLU D 678 -2.79 40.83 -4.30
CA GLU D 678 -4.13 41.40 -4.22
C GLU D 678 -4.69 41.28 -2.81
N PHE D 679 -4.44 40.14 -2.15
CA PHE D 679 -4.91 39.95 -0.77
C PHE D 679 -4.28 40.97 0.16
N PHE D 680 -2.98 41.22 0.02
CA PHE D 680 -2.31 42.20 0.86
C PHE D 680 -2.76 43.63 0.53
N ARG D 681 -3.16 43.88 -0.71
CA ARG D 681 -3.52 45.24 -1.11
C ARG D 681 -4.76 45.73 -0.38
N ARG D 682 -5.81 44.92 -0.34
CA ARG D 682 -7.09 45.32 0.23
C ARG D 682 -7.28 44.87 1.67
N SER D 683 -6.25 44.28 2.28
CA SER D 683 -6.39 43.80 3.66
C SER D 683 -6.59 44.95 4.61
N LYS D 684 -7.44 44.75 5.62
CA LYS D 684 -7.71 45.74 6.64
C LYS D 684 -7.10 45.38 7.99
N ILE D 685 -6.59 44.16 8.15
CA ILE D 685 -5.88 43.80 9.37
C ILE D 685 -4.63 44.67 9.49
N ALA D 686 -4.32 45.07 10.73
CA ALA D 686 -3.25 46.04 10.95
C ALA D 686 -1.90 45.50 10.49
N VAL D 687 -1.63 44.22 10.78
CA VAL D 687 -0.34 43.64 10.41
C VAL D 687 -0.19 43.58 8.90
N PHE D 688 -1.22 43.10 8.20
CA PHE D 688 -1.15 43.02 6.75
C PHE D 688 -1.18 44.40 6.11
N ASP D 689 -1.91 45.34 6.72
CA ASP D 689 -1.91 46.71 6.22
C ASP D 689 -0.52 47.32 6.30
N LYS D 690 0.17 47.12 7.42
CA LYS D 690 1.54 47.61 7.57
C LYS D 690 2.49 46.92 6.61
N MET D 691 2.30 45.61 6.40
CA MET D 691 3.11 44.90 5.42
C MET D 691 2.93 45.48 4.02
N TRP D 692 1.69 45.75 3.63
CA TRP D 692 1.45 46.34 2.31
C TRP D 692 2.03 47.74 2.22
N THR D 693 1.93 48.52 3.30
CA THR D 693 2.52 49.85 3.31
C THR D 693 4.02 49.80 3.11
N TYR D 694 4.69 48.84 3.77
CA TYR D 694 6.12 48.66 3.54
C TYR D 694 6.41 48.21 2.12
N MET D 695 5.60 47.28 1.59
CA MET D 695 5.89 46.69 0.29
C MET D 695 5.75 47.70 -0.84
N ARG D 696 4.68 48.51 -0.80
CA ARG D 696 4.45 49.45 -1.90
C ARG D 696 5.56 50.49 -1.99
N SER D 697 6.04 50.97 -0.84
CA SER D 697 7.15 51.91 -0.81
C SER D 697 8.47 51.21 -0.52
N ALA D 698 8.95 50.40 -1.47
CA ALA D 698 10.19 49.65 -1.29
C ALA D 698 11.14 49.94 -2.45
N GLU D 699 12.40 50.21 -2.11
CA GLU D 699 13.44 50.43 -3.10
C GLU D 699 14.66 49.60 -2.72
N PRO D 700 15.09 48.63 -3.53
CA PRO D 700 14.53 48.25 -4.83
C PRO D 700 13.27 47.39 -4.68
N SER D 701 12.59 47.11 -5.79
CA SER D 701 11.31 46.39 -5.73
C SER D 701 11.50 45.01 -5.13
N VAL D 702 10.62 44.65 -4.20
CA VAL D 702 10.64 43.33 -3.59
C VAL D 702 9.73 42.34 -4.30
N PHE D 703 9.01 42.78 -5.33
CA PHE D 703 8.11 41.92 -6.08
C PHE D 703 8.89 41.16 -7.16
N VAL D 704 8.46 39.92 -7.41
CA VAL D 704 9.13 39.04 -8.35
C VAL D 704 8.15 38.66 -9.45
N ARG D 705 8.70 38.31 -10.62
CA ARG D 705 7.89 37.96 -11.78
C ARG D 705 7.43 36.50 -11.75
N THR D 706 8.16 35.62 -11.07
CA THR D 706 7.79 34.21 -10.99
C THR D 706 8.23 33.69 -9.63
N THR D 707 7.56 32.62 -9.18
CA THR D 707 7.92 32.00 -7.90
C THR D 707 9.33 31.43 -7.96
N ALA D 708 9.78 31.02 -9.15
CA ALA D 708 11.16 30.59 -9.31
C ALA D 708 12.12 31.73 -9.02
N GLU D 709 11.81 32.93 -9.51
CA GLU D 709 12.65 34.08 -9.23
C GLU D 709 12.66 34.43 -7.74
N GLY D 710 11.50 34.30 -7.08
CA GLY D 710 11.46 34.55 -5.65
C GLY D 710 12.28 33.55 -4.87
N VAL D 711 12.20 32.27 -5.25
CA VAL D 711 13.00 31.24 -4.58
C VAL D 711 14.48 31.50 -4.80
N ALA D 712 14.85 31.88 -6.03
CA ALA D 712 16.24 32.21 -6.31
C ALA D 712 16.72 33.40 -5.49
N ARG D 713 15.86 34.41 -5.34
CA ARG D 713 16.19 35.56 -4.50
C ARG D 713 16.41 35.13 -3.05
N VAL D 714 15.55 34.26 -2.54
CA VAL D 714 15.71 33.78 -1.17
C VAL D 714 17.03 33.03 -1.02
N ARG D 715 17.35 32.17 -1.99
CA ARG D 715 18.55 31.34 -1.87
C ARG D 715 19.83 32.16 -2.05
N LYS D 716 19.77 33.24 -2.83
CA LYS D 716 20.94 34.04 -3.10
C LYS D 716 21.07 35.27 -2.19
N SER D 717 20.06 35.56 -1.37
CA SER D 717 20.11 36.74 -0.52
C SER D 717 20.81 36.51 0.82
N LYS D 718 21.18 35.26 1.12
CA LYS D 718 21.86 34.93 2.38
C LYS D 718 21.05 35.39 3.59
N GLY D 719 19.75 35.09 3.57
CA GLY D 719 18.88 35.38 4.68
C GLY D 719 18.35 36.80 4.77
N LYS D 720 18.63 37.63 3.78
CA LYS D 720 18.15 39.01 3.77
C LYS D 720 16.88 39.18 2.94
N TYR D 721 16.22 38.09 2.60
CA TYR D 721 14.96 38.15 1.86
C TYR D 721 14.03 37.04 2.32
N ALA D 722 12.74 37.35 2.36
CA ALA D 722 11.70 36.39 2.73
C ALA D 722 10.62 36.41 1.66
N TYR D 723 10.21 35.23 1.21
CA TYR D 723 9.24 35.10 0.13
C TYR D 723 7.89 34.71 0.69
N LEU D 724 6.85 35.45 0.28
CA LEU D 724 5.47 35.15 0.65
C LEU D 724 4.80 34.45 -0.53
N LEU D 725 4.51 33.16 -0.37
CA LEU D 725 3.95 32.35 -1.43
C LEU D 725 2.94 31.39 -0.83
N GLU D 726 2.26 30.64 -1.69
CA GLU D 726 1.29 29.67 -1.22
C GLU D 726 1.98 28.51 -0.52
N SER D 727 1.29 27.94 0.46
CA SER D 727 1.90 26.90 1.28
C SER D 727 2.23 25.65 0.47
N THR D 728 1.48 25.38 -0.59
CA THR D 728 1.75 24.19 -1.40
C THR D 728 3.09 24.30 -2.11
N MET D 729 3.32 25.41 -2.82
CA MET D 729 4.61 25.61 -3.49
C MET D 729 5.73 25.72 -2.46
N ASN D 730 5.47 26.36 -1.33
CA ASN D 730 6.48 26.47 -0.28
C ASN D 730 6.93 25.09 0.18
N GLU D 731 5.97 24.21 0.48
CA GLU D 731 6.31 22.86 0.91
C GLU D 731 7.02 22.08 -0.19
N TYR D 732 6.56 22.23 -1.43
CA TYR D 732 7.18 21.50 -2.53
C TYR D 732 8.65 21.90 -2.71
N ILE D 733 8.94 23.20 -2.67
CA ILE D 733 10.32 23.64 -2.77
C ILE D 733 11.11 23.22 -1.54
N GLU D 734 10.48 23.22 -0.36
CA GLU D 734 11.16 22.79 0.85
C GLU D 734 11.59 21.33 0.76
N GLN D 735 10.79 20.48 0.13
CA GLN D 735 11.08 19.05 0.08
C GLN D 735 12.11 18.68 -0.99
N ARG D 736 12.50 19.60 -1.87
CA ARG D 736 13.39 19.29 -2.97
C ARG D 736 14.77 19.90 -2.76
N LYS D 737 15.75 19.31 -3.44
CA LYS D 737 17.13 19.76 -3.32
C LYS D 737 17.30 21.14 -3.96
N PRO D 738 18.27 21.94 -3.48
CA PRO D 738 19.27 21.64 -2.45
C PRO D 738 18.74 21.86 -1.03
N CYS D 739 17.44 22.08 -0.89
CA CYS D 739 16.76 22.22 0.40
C CYS D 739 17.52 23.10 1.37
N ASP D 740 17.70 24.36 0.96
CA ASP D 740 18.30 25.38 1.81
C ASP D 740 17.29 26.40 2.30
N THR D 741 16.00 26.15 2.09
CA THR D 741 14.94 27.06 2.49
C THR D 741 13.98 26.34 3.44
N MET D 742 13.43 27.10 4.38
CA MET D 742 12.47 26.58 5.34
C MET D 742 11.29 27.53 5.46
N LYS D 743 10.18 27.00 5.95
CA LYS D 743 8.94 27.75 6.10
C LYS D 743 8.70 28.03 7.57
N VAL D 744 8.46 29.29 7.91
CA VAL D 744 8.28 29.73 9.28
C VAL D 744 6.82 30.13 9.50
N GLY D 745 6.36 30.00 10.74
CA GLY D 745 5.01 30.41 11.08
C GLY D 745 3.96 29.45 10.56
N GLY D 746 2.71 29.84 10.77
CA GLY D 746 1.58 29.11 10.23
C GLY D 746 1.12 29.68 8.91
N ASN D 747 -0.14 29.39 8.58
CA ASN D 747 -0.74 29.92 7.35
C ASN D 747 -1.43 31.23 7.64
N LEU D 748 -1.13 32.25 6.85
CA LEU D 748 -1.70 33.57 7.08
C LEU D 748 -3.21 33.55 6.89
N ASP D 749 -3.69 32.84 5.88
CA ASP D 749 -5.12 32.69 5.64
C ASP D 749 -5.38 31.28 5.12
N SER D 750 -6.65 30.97 4.86
CA SER D 750 -7.06 29.68 4.35
C SER D 750 -7.79 29.89 3.04
N LYS D 751 -7.26 29.33 1.95
CA LYS D 751 -7.86 29.47 0.63
C LYS D 751 -7.89 28.13 -0.10
N GLY D 752 -8.19 28.17 -1.39
CA GLY D 752 -8.22 26.95 -2.18
C GLY D 752 -8.07 27.25 -3.65
N TYR D 753 -7.73 26.20 -4.40
CA TYR D 753 -7.60 26.27 -5.85
C TYR D 753 -8.88 25.73 -6.49
N GLY D 754 -9.53 26.54 -7.30
CA GLY D 754 -10.72 26.13 -8.00
C GLY D 754 -10.50 26.13 -9.50
N ILE D 755 -11.20 25.23 -10.19
CA ILE D 755 -11.15 25.18 -11.64
C ILE D 755 -11.98 26.32 -12.22
N ALA D 756 -11.38 27.08 -13.12
CA ALA D 756 -12.02 28.28 -13.64
C ALA D 756 -12.75 27.98 -14.96
N THR D 757 -13.84 28.71 -15.18
CA THR D 757 -14.72 28.52 -16.32
C THR D 757 -15.42 29.84 -16.58
N PRO D 758 -15.55 30.26 -17.84
CA PRO D 758 -16.19 31.55 -18.12
C PRO D 758 -17.62 31.60 -17.62
N LYS D 759 -18.04 32.80 -17.23
CA LYS D 759 -19.39 32.99 -16.69
C LYS D 759 -20.44 32.62 -17.73
N GLY D 760 -21.43 31.83 -17.31
CA GLY D 760 -22.50 31.41 -18.18
C GLY D 760 -22.19 30.22 -19.06
N SER D 761 -21.00 29.65 -18.98
CA SER D 761 -20.64 28.51 -19.81
C SER D 761 -21.38 27.26 -19.34
N SER D 762 -21.40 26.25 -20.20
CA SER D 762 -22.09 25.00 -19.90
C SER D 762 -21.19 23.98 -19.22
N LEU D 763 -19.90 24.25 -19.12
CA LEU D 763 -18.97 23.30 -18.52
C LEU D 763 -18.90 23.40 -17.00
N GLY D 764 -19.50 24.43 -16.40
CA GLY D 764 -19.36 24.63 -14.97
C GLY D 764 -19.87 23.46 -14.14
N THR D 765 -21.12 23.05 -14.39
CA THR D 765 -21.70 21.95 -13.64
C THR D 765 -20.98 20.62 -13.84
N PRO D 766 -20.66 20.19 -15.06
CA PRO D 766 -19.93 18.91 -15.20
C PRO D 766 -18.59 18.92 -14.49
N VAL D 767 -17.84 20.03 -14.56
CA VAL D 767 -16.54 20.09 -13.91
C VAL D 767 -16.70 20.10 -12.39
N ASN D 768 -17.72 20.81 -11.89
CA ASN D 768 -17.97 20.81 -10.46
C ASN D 768 -18.29 19.42 -9.94
N LEU D 769 -19.18 18.70 -10.65
CA LEU D 769 -19.51 17.34 -10.25
C LEU D 769 -18.31 16.40 -10.39
N ALA D 770 -17.47 16.60 -11.41
CA ALA D 770 -16.27 15.78 -11.55
C ALA D 770 -15.30 16.02 -10.40
N VAL D 771 -15.14 17.27 -9.99
CA VAL D 771 -14.27 17.58 -8.86
C VAL D 771 -14.82 16.94 -7.59
N LEU D 772 -16.13 17.01 -7.38
CA LEU D 772 -16.73 16.37 -6.21
C LEU D 772 -16.52 14.86 -6.23
N LYS D 773 -16.71 14.24 -7.40
CA LYS D 773 -16.51 12.80 -7.52
C LYS D 773 -15.06 12.42 -7.25
N LEU D 774 -14.11 13.20 -7.77
CA LEU D 774 -12.70 12.94 -7.53
C LEU D 774 -12.34 13.10 -6.06
N SER D 775 -12.91 14.11 -5.39
CA SER D 775 -12.67 14.28 -3.96
C SER D 775 -13.23 13.12 -3.16
N GLU D 776 -14.44 12.67 -3.49
CA GLU D 776 -15.05 11.58 -2.73
C GLU D 776 -14.37 10.24 -2.99
N GLN D 777 -13.84 10.04 -4.20
CA GLN D 777 -13.25 8.76 -4.56
C GLN D 777 -11.87 8.55 -3.97
N GLY D 778 -11.14 9.62 -3.68
CA GLY D 778 -9.78 9.50 -3.19
C GLY D 778 -8.70 9.73 -4.23
N VAL D 779 -9.07 10.09 -5.46
CA VAL D 779 -8.07 10.39 -6.48
C VAL D 779 -7.29 11.63 -6.12
N LEU D 780 -7.96 12.63 -5.54
CA LEU D 780 -7.33 13.93 -5.29
C LEU D 780 -6.16 13.80 -4.29
N ASP D 781 -6.42 13.19 -3.14
CA ASP D 781 -5.36 13.08 -2.14
C ASP D 781 -4.26 12.12 -2.57
N LYS D 782 -4.62 11.09 -3.34
CA LYS D 782 -3.59 10.20 -3.88
C LYS D 782 -2.67 10.93 -4.83
N LEU D 783 -3.24 11.77 -5.72
CA LEU D 783 -2.42 12.59 -6.61
C LEU D 783 -1.55 13.55 -5.82
N LYS D 784 -2.11 14.20 -4.80
CA LYS D 784 -1.32 15.12 -3.99
C LYS D 784 -0.16 14.39 -3.30
N ASN D 785 -0.42 13.21 -2.74
CA ASN D 785 0.61 12.46 -2.05
C ASN D 785 1.70 11.99 -3.01
N LYS D 786 1.30 11.54 -4.21
CA LYS D 786 2.29 11.04 -5.16
C LYS D 786 2.99 12.13 -5.94
N TRP D 787 2.52 13.38 -5.85
CA TRP D 787 3.22 14.49 -6.48
C TRP D 787 3.81 15.49 -5.48
N TRP D 788 3.73 15.20 -4.18
CA TRP D 788 4.27 16.11 -3.17
C TRP D 788 5.17 15.44 -2.14
N TYR D 789 5.01 14.15 -1.87
CA TYR D 789 5.80 13.48 -0.84
C TYR D 789 6.55 12.26 -1.33
N ASP D 790 6.16 11.66 -2.46
CA ASP D 790 6.82 10.45 -2.92
C ASP D 790 8.26 10.74 -3.37
N LYS D 791 8.52 11.96 -3.84
CA LYS D 791 9.84 12.35 -4.33
C LYS D 791 10.55 13.25 -3.32
N GLY D 792 10.42 12.87 -2.05
CA GLY D 792 10.99 13.63 -0.96
C GLY D 792 12.50 13.55 -0.91
N GLU D 793 13.16 14.20 -1.88
CA GLU D 793 14.61 14.14 -2.00
C GLU D 793 15.30 14.52 -0.69
N CYS D 794 14.88 15.62 -0.08
CA CYS D 794 15.45 16.04 1.19
C CYS D 794 14.53 15.69 2.36
N GLU E . -20.87 16.99 9.36
CA GLU E . -21.74 15.87 9.04
C GLU E . -22.84 16.29 8.06
O GLU E . -23.15 17.47 7.95
CB GLU E . -22.35 15.27 10.31
CG GLU E . -22.77 13.82 10.16
CD GLU E . -21.65 12.85 10.44
OE1 GLU E . -20.93 13.03 11.45
OE2 GLU E . -21.47 11.90 9.65
OXT GLU E . -23.43 15.46 7.37
C1 CYZ F . -13.13 29.39 0.44
C2 CYZ F . -13.02 28.58 -0.66
C3 CYZ F . -11.67 28.43 -1.10
C4 CYZ F . -11.16 29.88 -1.46
C5 CYZ F . -12.24 30.76 -1.13
C6 CYZ F . -12.61 30.68 0.15
C7 CYZ F . -13.44 29.76 -1.70
C8 CYZ F . -12.29 28.74 1.67
N1 CYZ F . -12.73 27.41 1.86
S1 CYZ F . -11.98 26.71 3.11
C9 CYZ F . -11.93 27.73 4.46
C10 CYZ F . -12.17 29.03 4.31
N2 CYZ F . -12.49 29.59 2.90
C11 CYZ F . -11.62 27.19 5.78
C12 CYZ F . -11.59 28.03 6.86
C13 CYZ F . -11.83 29.38 6.69
C14 CYZ F . -12.12 29.90 5.42
CL CYZ F . -11.77 30.45 8.11
S2 CYZ F . -11.20 27.40 8.55
O1 CYZ F . -10.42 26.39 2.65
O2 CYZ F . -12.80 25.32 3.52
O3 CYZ F . -11.39 25.77 8.57
O4 CYZ F . -12.24 28.07 9.59
N3 CYZ F . -9.61 27.80 8.99
N GLU G . 0.44 -31.33 4.58
CA GLU G . 0.61 -32.66 5.15
C GLU G . 0.23 -33.75 4.16
O GLU G . 0.35 -34.94 4.43
CB GLU G . -0.19 -32.81 6.44
CG GLU G . 0.20 -31.84 7.53
CD GLU G . 1.22 -32.44 8.49
OE1 GLU G . 1.63 -31.73 9.43
OE2 GLU G . 1.61 -33.61 8.29
OXT GLU G . -0.23 -33.46 3.05
C1 CYZ H . 7.16 -21.87 -7.99
C2 CYZ H . 7.90 -23.01 -8.17
C3 CYZ H . 9.31 -22.78 -8.10
C4 CYZ H . 9.64 -21.74 -9.24
C5 CYZ H . 8.37 -21.41 -9.85
C6 CYZ H . 7.49 -20.91 -8.97
C7 CYZ H . 7.77 -22.97 -9.80
C8 CYZ H . 7.45 -21.26 -6.51
N1 CYZ H . 7.32 -22.30 -5.57
S1 CYZ H . 7.54 -21.76 -4.06
C9 CYZ H . 6.70 -20.31 -3.78
C10 CYZ H . 6.25 -19.60 -4.81
N2 CYZ H . 6.50 -20.11 -6.27
C11 CYZ H . 6.48 -19.84 -2.42
C12 CYZ H . 5.80 -18.67 -2.21
C13 CYZ H . 5.33 -17.94 -3.29
C14 CYZ H . 5.55 -18.40 -4.59
CL CYZ H . 4.45 -16.41 -3.01
S2 CYZ H . 5.51 -18.07 -0.48
O1 CYZ H . 9.15 -21.46 -3.86
O2 CYZ H . 7.00 -22.92 -3.00
O3 CYZ H . 5.91 -19.24 0.57
O4 CYZ H . 3.95 -17.69 -0.31
N3 CYZ H . 6.46 -16.69 -0.20
N GLU I . 19.18 -17.70 -11.94
CA GLU I . 18.90 -16.83 -13.08
C GLU I . 18.47 -17.66 -14.29
O GLU I . 18.69 -18.87 -14.34
CB GLU I . 20.13 -15.99 -13.41
CG GLU I . 19.83 -14.78 -14.29
CD GLU I . 19.72 -13.50 -13.48
OE1 GLU I . 20.37 -13.40 -12.42
OE2 GLU I . 18.99 -12.59 -13.93
OXT GLU I . 17.89 -17.14 -15.24
C1 CYZ J . 10.72 -30.05 -3.76
C2 CYZ J . 9.55 -29.51 -4.19
C3 CYZ J . 8.67 -29.18 -3.09
C4 CYZ J . 8.39 -30.53 -2.32
C5 CYZ J . 9.19 -31.53 -2.99
C6 CYZ J . 10.50 -31.22 -3.01
C7 CYZ J . 8.89 -30.97 -4.52
C8 CYZ J . 11.51 -28.96 -2.84
N1 CYZ J . 11.65 -27.77 -3.58
S1 CYZ J . 12.43 -26.63 -2.73
C9 CYZ J . 13.80 -27.27 -1.95
C10 CYZ J . 13.93 -28.59 -1.83
N2 CYZ J . 12.84 -29.54 -2.40
C11 CYZ J . 14.82 -26.39 -1.42
C12 CYZ J . 15.91 -26.91 -0.80
C13 CYZ J . 16.05 -28.28 -0.67
C14 CYZ J . 15.07 -29.13 -1.19
CL CYZ J . 17.49 -28.95 0.15
S2 CYZ J . 17.23 -25.81 -0.11
O1 CYZ J . 11.40 -26.08 -1.56
O2 CYZ J . 12.91 -25.42 -3.76
O3 CYZ J . 17.13 -24.34 -0.81
O4 CYZ J . 18.67 -26.48 -0.43
N3 CYZ J . 17.04 -25.66 1.58
N GLU K . -2.34 30.84 -7.03
CA GLU K . -2.16 32.29 -7.09
C GLU K . -3.17 32.92 -8.05
O GLU K . -3.19 34.14 -8.23
CB GLU K . -0.74 32.64 -7.53
CG GLU K . 0.34 32.11 -6.60
CD GLU K . 0.78 33.13 -5.57
OE1 GLU K . 1.66 32.80 -4.75
OE2 GLU K . 0.23 34.25 -5.58
OXT GLU K . -3.98 32.23 -8.67
C1 CYZ L . -14.25 19.76 -1.80
C2 CYZ L . -14.96 20.88 -1.47
C3 CYZ L . -15.34 20.91 -0.09
C4 CYZ L . -16.21 19.62 0.17
C5 CYZ L . -16.22 18.92 -1.09
C6 CYZ L . -15.00 18.60 -1.51
C7 CYZ L . -16.37 20.27 -2.03
C8 CYZ L . -12.87 19.71 -0.93
N1 CYZ L . -12.20 20.94 -1.08
S1 CYZ L . -10.77 20.93 -0.29
C9 CYZ L . -9.91 19.49 -0.55
C10 CYZ L . -10.54 18.44 -1.06
N2 CYZ L . -12.05 18.53 -1.39
C11 CYZ L . -8.50 19.42 -0.24
C12 CYZ L . -7.81 18.26 -0.47
C13 CYZ L . -8.46 17.16 -0.99
C14 CYZ L . -9.83 17.24 -1.28
CL CYZ L . -7.57 15.63 -1.28
S2 CYZ L . -6.00 18.15 -0.07
O1 CYZ L . -11.07 21.05 1.33
O2 CYZ L . -9.86 22.21 -0.84
O3 CYZ L . -5.43 19.65 0.20
O4 CYZ L . -5.22 17.48 -1.31
N3 CYZ L . -5.78 17.19 1.33
#